data_3SEF
#
_entry.id   3SEF
#
_cell.length_a   76.030
_cell.length_b   86.079
_cell.length_c   81.018
_cell.angle_alpha   90.00
_cell.angle_beta   92.85
_cell.angle_gamma   90.00
#
_symmetry.space_group_name_H-M   'P 1 21 1'
#
loop_
_entity.id
_entity.type
_entity.pdbx_description
1 polymer 'Shikimate 5-dehydrogenase'
2 non-polymer 'NADPH DIHYDRO-NICOTINAMIDE-ADENINE-DINUCLEOTIDE PHOSPHATE'
3 non-polymer '(3R,4S,5R)-3,4,5-TRIHYDROXYCYCLOHEX-1-ENE-1-CARBOXYLIC ACID'
4 water water
#
_entity_poly.entity_id   1
_entity_poly.type   'polypeptide(L)'
_entity_poly.pdbx_seq_one_letter_code
;MHHHHHHSSGVDLGTENLYFQSNAMASQIDQYAVFGNPINHSKSPFIHTLFARQTQQSMIYTAQCVPVDGFTEAAKHFFA
QGGRGCNVTVPFKEEAYRFADRLTERARLAGAVNTLKKLDDGEILGDNTDGEGLVQDLLAQQVLLKGATILLIGAGGAAR
GVLKPLLDQQPASITVTNRTFAKAEQLAELVAAYGEVKAQAFEQLKQSYDVIINSTSASLDGELPAIDPVIFSSRSVCYD
MMYGKGYTVFNQWARQHGCAQAIDGLGMLVGQAAESFMLWRGLRPGTKQILRELRKNLEGAL
;
_entity_poly.pdbx_strand_id   A,B,C,D
#
loop_
_chem_comp.id
_chem_comp.type
_chem_comp.name
_chem_comp.formula
NDP non-polymer 'NADPH DIHYDRO-NICOTINAMIDE-ADENINE-DINUCLEOTIDE PHOSPHATE' 'C21 H30 N7 O17 P3'
SKM non-polymer '(3R,4S,5R)-3,4,5-TRIHYDROXYCYCLOHEX-1-ENE-1-CARBOXYLIC ACID' 'C7 H10 O5'
#
# COMPACT_ATOMS: atom_id res chain seq x y z
N ILE A 29 -4.18 -3.40 27.18
CA ILE A 29 -3.49 -4.28 26.20
C ILE A 29 -4.42 -5.39 25.70
N ASP A 30 -4.51 -5.54 24.39
CA ASP A 30 -5.37 -6.55 23.78
C ASP A 30 -4.88 -7.98 24.01
N GLN A 31 -5.80 -8.82 24.47
CA GLN A 31 -5.53 -10.23 24.75
C GLN A 31 -6.00 -11.15 23.65
N TYR A 32 -5.09 -12.03 23.23
CA TYR A 32 -5.35 -13.03 22.20
C TYR A 32 -4.78 -14.31 22.74
N ALA A 33 -5.23 -15.43 22.21
CA ALA A 33 -4.73 -16.71 22.68
C ALA A 33 -5.04 -17.83 21.69
N VAL A 34 -4.61 -19.03 22.06
CA VAL A 34 -4.83 -20.22 21.27
C VAL A 34 -5.34 -21.25 22.25
N PHE A 35 -6.45 -21.89 21.92
CA PHE A 35 -7.03 -22.93 22.77
C PHE A 35 -6.69 -24.31 22.22
N GLY A 36 -6.24 -25.19 23.10
CA GLY A 36 -5.88 -26.55 22.71
C GLY A 36 -5.63 -27.47 23.89
N ASN A 37 -5.65 -28.77 23.61
CA ASN A 37 -5.43 -29.79 24.64
C ASN A 37 -3.93 -29.98 24.97
N PRO A 38 -3.05 -29.93 23.95
CA PRO A 38 -1.63 -30.09 24.25
C PRO A 38 -0.99 -28.81 24.76
N SER A 42 2.49 -25.26 21.61
CA SER A 42 2.12 -24.73 20.31
C SER A 42 3.08 -23.61 19.91
N LYS A 43 3.23 -23.38 18.61
CA LYS A 43 4.12 -22.34 18.10
C LYS A 43 3.40 -21.00 17.90
N SER A 44 2.07 -21.02 17.90
CA SER A 44 1.30 -19.79 17.70
C SER A 44 1.68 -18.66 18.65
N PRO A 45 1.84 -18.94 19.95
CA PRO A 45 2.22 -17.83 20.83
C PRO A 45 3.54 -17.19 20.38
N PHE A 46 4.52 -18.02 20.05
CA PHE A 46 5.82 -17.55 19.60
C PHE A 46 5.67 -16.74 18.32
N ILE A 47 4.95 -17.31 17.36
CA ILE A 47 4.70 -16.68 16.08
C ILE A 47 4.01 -15.34 16.18
N HIS A 48 2.87 -15.30 16.87
CA HIS A 48 2.14 -14.04 17.01
C HIS A 48 2.86 -12.98 17.83
N THR A 49 3.64 -13.41 18.82
CA THR A 49 4.37 -12.45 19.63
C THR A 49 5.39 -11.73 18.72
N LEU A 50 6.00 -12.45 17.79
CA LEU A 50 6.95 -11.84 16.88
C LEU A 50 6.19 -10.91 15.93
N PHE A 51 5.01 -11.31 15.46
CA PHE A 51 4.30 -10.41 14.57
C PHE A 51 4.03 -9.13 15.36
N ALA A 52 3.75 -9.30 16.65
CA ALA A 52 3.47 -8.17 17.55
C ALA A 52 4.64 -7.19 17.58
N ARG A 53 5.84 -7.71 17.76
CA ARG A 53 7.03 -6.87 17.80
C ARG A 53 7.17 -6.10 16.48
N GLN A 54 7.31 -6.85 15.39
CA GLN A 54 7.47 -6.27 14.05
C GLN A 54 6.50 -5.14 13.74
N THR A 55 5.22 -5.41 13.92
CA THR A 55 4.18 -4.42 13.65
C THR A 55 3.88 -3.46 14.81
N GLN A 56 4.67 -3.54 15.87
CA GLN A 56 4.49 -2.67 17.05
C GLN A 56 3.03 -2.66 17.52
N GLN A 57 2.47 -3.85 17.68
CA GLN A 57 1.10 -4.01 18.13
C GLN A 57 1.04 -4.25 19.63
N SER A 58 0.29 -3.42 20.33
CA SER A 58 0.15 -3.53 21.77
C SER A 58 -0.86 -4.63 22.06
N MET A 59 -0.35 -5.85 22.24
CA MET A 59 -1.19 -7.01 22.53
C MET A 59 -0.37 -8.13 23.11
N ILE A 60 -1.04 -9.10 23.74
CA ILE A 60 -0.39 -10.26 24.35
C ILE A 60 -1.11 -11.50 23.85
N TYR A 61 -0.36 -12.53 23.46
CA TYR A 61 -0.95 -13.76 22.94
C TYR A 61 -0.52 -14.90 23.87
N THR A 62 -1.48 -15.63 24.44
CA THR A 62 -1.18 -16.74 25.34
C THR A 62 -1.74 -18.08 24.88
N ALA A 63 -1.33 -19.17 25.53
CA ALA A 63 -1.81 -20.50 25.20
C ALA A 63 -2.65 -20.99 26.37
N GLN A 64 -3.97 -20.99 26.18
CA GLN A 64 -4.93 -21.42 27.21
C GLN A 64 -5.29 -22.90 27.14
N CYS A 65 -5.52 -23.49 28.31
CA CYS A 65 -5.91 -24.91 28.42
C CYS A 65 -7.39 -25.05 28.11
N VAL A 66 -7.80 -26.24 27.70
CA VAL A 66 -9.20 -26.50 27.39
C VAL A 66 -9.69 -27.61 28.31
N PRO A 67 -10.51 -27.24 29.31
CA PRO A 67 -11.04 -28.26 30.24
C PRO A 67 -12.04 -29.19 29.56
N ASP A 69 -14.89 -29.80 30.86
CA ASP A 69 -16.02 -28.93 30.56
C ASP A 69 -16.20 -28.74 29.06
N GLY A 70 -15.31 -27.96 28.43
CA GLY A 70 -15.41 -27.73 27.00
C GLY A 70 -14.99 -26.36 26.52
N PHE A 71 -14.61 -26.33 25.25
CA PHE A 71 -14.17 -25.12 24.57
C PHE A 71 -15.19 -23.99 24.65
N THR A 72 -16.45 -24.31 24.36
CA THR A 72 -17.51 -23.31 24.40
C THR A 72 -17.50 -22.50 25.69
N GLU A 73 -17.30 -23.17 26.82
CA GLU A 73 -17.27 -22.50 28.12
C GLU A 73 -16.03 -21.61 28.23
N ALA A 74 -14.87 -22.19 27.96
CA ALA A 74 -13.62 -21.45 28.03
C ALA A 74 -13.70 -20.23 27.12
N ALA A 75 -14.27 -20.41 25.94
CA ALA A 75 -14.40 -19.33 24.96
C ALA A 75 -15.33 -18.20 25.45
N LYS A 76 -16.53 -18.55 25.89
CA LYS A 76 -17.48 -17.55 26.38
C LYS A 76 -16.80 -16.68 27.42
N HIS A 77 -16.21 -17.35 28.40
CA HIS A 77 -15.51 -16.71 29.50
C HIS A 77 -14.39 -15.80 28.96
N PHE A 78 -13.61 -16.32 28.02
CA PHE A 78 -12.51 -15.56 27.42
C PHE A 78 -12.98 -14.23 26.85
N PHE A 79 -13.98 -14.24 25.98
CA PHE A 79 -14.48 -13.00 25.41
C PHE A 79 -15.23 -12.18 26.46
N ALA A 80 -15.80 -12.86 27.45
CA ALA A 80 -16.54 -12.20 28.51
C ALA A 80 -15.62 -11.32 29.37
N GLN A 81 -14.32 -11.64 29.38
CA GLN A 81 -13.36 -10.87 30.16
C GLN A 81 -12.54 -9.83 29.40
N GLY A 82 -12.76 -9.70 28.09
CA GLY A 82 -12.01 -8.71 27.31
C GLY A 82 -11.16 -9.21 26.15
N GLY A 83 -11.11 -10.52 25.93
CA GLY A 83 -10.31 -11.07 24.82
C GLY A 83 -10.89 -10.62 23.49
N ARG A 84 -10.03 -10.27 22.54
CA ARG A 84 -10.53 -9.82 21.24
C ARG A 84 -10.54 -10.88 20.14
N GLY A 85 -9.76 -11.94 20.31
CA GLY A 85 -9.72 -12.99 19.31
C GLY A 85 -8.79 -14.14 19.68
N CYS A 86 -8.99 -15.28 19.04
CA CYS A 86 -8.13 -16.42 19.34
C CYS A 86 -8.12 -17.47 18.25
N ASN A 87 -7.10 -18.32 18.31
CA ASN A 87 -6.93 -19.42 17.39
C ASN A 87 -7.50 -20.65 18.07
N VAL A 88 -7.85 -21.64 17.28
CA VAL A 88 -8.42 -22.88 17.81
C VAL A 88 -7.75 -24.06 17.14
N THR A 89 -7.20 -24.96 17.94
CA THR A 89 -6.53 -26.14 17.41
C THR A 89 -7.47 -27.32 17.50
N VAL A 90 -7.12 -28.40 16.80
CA VAL A 90 -7.93 -29.61 16.79
C VAL A 90 -8.01 -30.20 18.19
N PRO A 91 -9.11 -30.88 18.51
CA PRO A 91 -10.25 -31.10 17.63
C PRO A 91 -11.39 -30.14 17.95
N PHE A 92 -11.06 -28.92 18.36
CA PHE A 92 -12.09 -27.94 18.70
C PHE A 92 -12.52 -27.04 17.53
N LYS A 93 -11.96 -27.25 16.34
CA LYS A 93 -12.32 -26.42 15.18
C LYS A 93 -13.81 -26.52 14.79
N GLU A 94 -14.40 -27.69 14.96
CA GLU A 94 -15.81 -27.88 14.62
C GLU A 94 -16.69 -27.21 15.68
N GLU A 95 -16.28 -27.29 16.94
CA GLU A 95 -17.05 -26.68 18.01
C GLU A 95 -16.87 -25.17 17.94
N ALA A 96 -15.75 -24.72 17.37
CA ALA A 96 -15.49 -23.29 17.24
C ALA A 96 -16.40 -22.78 16.14
N TYR A 97 -16.72 -23.68 15.20
CA TYR A 97 -17.59 -23.37 14.08
C TYR A 97 -18.99 -23.05 14.59
N ARG A 98 -19.44 -23.77 15.61
CA ARG A 98 -20.77 -23.53 16.19
C ARG A 98 -20.77 -22.33 17.11
N PHE A 99 -19.64 -22.10 17.78
CA PHE A 99 -19.50 -20.98 18.70
C PHE A 99 -19.63 -19.61 18.03
N ALA A 100 -19.17 -19.50 16.79
CA ALA A 100 -19.23 -18.24 16.04
C ALA A 100 -20.65 -17.77 15.71
N ASP A 101 -20.90 -16.48 15.92
CA ASP A 101 -22.21 -15.89 15.64
C ASP A 101 -22.42 -15.70 14.15
N ARG A 102 -21.31 -15.54 13.42
CA ARG A 102 -21.35 -15.35 11.98
C ARG A 102 -20.05 -15.87 11.38
N LEU A 103 -20.17 -16.61 10.29
CA LEU A 103 -19.03 -17.19 9.62
C LEU A 103 -18.70 -16.52 8.30
N THR A 104 -17.46 -16.74 7.84
CA THR A 104 -17.00 -16.18 6.60
C THR A 104 -17.24 -17.27 5.57
N GLU A 105 -17.34 -16.88 4.30
CA GLU A 105 -17.57 -17.83 3.23
C GLU A 105 -16.60 -19.02 3.33
N ARG A 106 -15.32 -18.73 3.38
CA ARG A 106 -14.29 -19.78 3.48
C ARG A 106 -14.42 -20.67 4.72
N ALA A 107 -14.98 -20.14 5.81
CA ALA A 107 -15.14 -20.93 7.02
C ALA A 107 -16.33 -21.88 6.86
N ARG A 108 -17.42 -21.36 6.30
CA ARG A 108 -18.61 -22.17 6.09
C ARG A 108 -18.27 -23.37 5.24
N LEU A 109 -17.52 -23.15 4.16
CA LEU A 109 -17.12 -24.22 3.25
C LEU A 109 -16.17 -25.20 3.91
N ALA A 110 -15.18 -24.69 4.61
CA ALA A 110 -14.21 -25.54 5.29
C ALA A 110 -14.90 -26.43 6.33
N GLY A 111 -15.94 -25.91 6.97
CA GLY A 111 -16.68 -26.66 7.98
C GLY A 111 -15.93 -26.69 9.30
N ALA A 112 -15.07 -25.71 9.51
CA ALA A 112 -14.30 -25.62 10.73
C ALA A 112 -13.74 -24.20 10.91
N VAL A 113 -13.47 -23.83 12.16
CA VAL A 113 -12.93 -22.52 12.49
C VAL A 113 -11.63 -22.61 13.28
N ASN A 114 -10.58 -21.93 12.81
CA ASN A 114 -9.30 -21.94 13.53
C ASN A 114 -9.04 -20.53 14.03
N THR A 115 -9.94 -19.59 13.73
CA THR A 115 -9.78 -18.20 14.15
C THR A 115 -11.12 -17.53 14.51
N LEU A 116 -11.19 -17.00 15.72
CA LEU A 116 -12.38 -16.31 16.23
C LEU A 116 -12.04 -14.85 16.52
N LYS A 117 -12.97 -13.96 16.21
CA LYS A 117 -12.76 -12.52 16.46
C LYS A 117 -13.99 -11.79 16.96
N LYS A 118 -13.84 -11.02 18.02
CA LYS A 118 -14.96 -10.26 18.58
C LYS A 118 -15.02 -8.94 17.84
N LEU A 119 -16.11 -8.71 17.11
CA LEU A 119 -16.27 -7.46 16.37
C LEU A 119 -16.69 -6.33 17.31
N ASP A 120 -16.73 -5.11 16.80
CA ASP A 120 -17.11 -3.93 17.60
C ASP A 120 -18.55 -3.98 18.12
N ASP A 121 -19.41 -4.75 17.48
CA ASP A 121 -20.81 -4.86 17.91
C ASP A 121 -21.04 -6.03 18.88
N GLY A 122 -19.95 -6.61 19.38
CA GLY A 122 -20.02 -7.73 20.31
C GLY A 122 -20.19 -9.11 19.68
N GLU A 123 -20.44 -9.14 18.38
CA GLU A 123 -20.61 -10.41 17.67
C GLU A 123 -19.27 -11.10 17.49
N ILE A 124 -19.28 -12.42 17.46
CA ILE A 124 -18.06 -13.19 17.30
C ILE A 124 -17.97 -13.78 15.90
N LEU A 125 -16.94 -13.34 15.18
CA LEU A 125 -16.70 -13.79 13.82
C LEU A 125 -15.79 -15.00 13.81
N GLY A 126 -16.19 -16.00 13.02
CA GLY A 126 -15.43 -17.24 12.88
C GLY A 126 -14.90 -17.31 11.46
N ASP A 127 -13.62 -17.61 11.31
CA ASP A 127 -13.01 -17.71 10.00
C ASP A 127 -12.02 -18.88 9.97
N ASN A 128 -11.62 -19.31 8.77
CA ASN A 128 -10.67 -20.41 8.62
C ASN A 128 -9.57 -19.93 7.68
N THR A 129 -8.37 -19.81 8.21
CA THR A 129 -7.21 -19.33 7.45
C THR A 129 -6.22 -20.39 6.93
N ASP A 130 -6.43 -21.66 7.24
CA ASP A 130 -5.53 -22.73 6.77
C ASP A 130 -5.32 -22.75 5.26
N GLY A 131 -6.41 -22.65 4.49
CA GLY A 131 -6.31 -22.66 3.05
C GLY A 131 -5.59 -21.45 2.47
N GLU A 132 -5.90 -20.27 3.01
CA GLU A 132 -5.28 -19.04 2.53
C GLU A 132 -3.78 -19.08 2.85
N GLY A 133 -3.40 -19.76 3.93
CA GLY A 133 -2.00 -19.88 4.32
C GLY A 133 -1.27 -20.76 3.32
N LEU A 134 -1.93 -21.83 2.89
CA LEU A 134 -1.36 -22.76 1.94
C LEU A 134 -1.14 -22.05 0.60
N VAL A 135 -2.20 -21.40 0.12
CA VAL A 135 -2.16 -20.67 -1.14
C VAL A 135 -1.06 -19.62 -1.15
N GLN A 136 -1.00 -18.80 -0.12
CA GLN A 136 0.04 -17.77 -0.07
C GLN A 136 1.43 -18.38 0.00
N ASP A 137 1.58 -19.51 0.66
CA ASP A 137 2.88 -20.14 0.76
C ASP A 137 3.24 -20.58 -0.67
N LEU A 138 2.33 -21.27 -1.33
CA LEU A 138 2.57 -21.73 -2.71
C LEU A 138 2.96 -20.54 -3.58
N LEU A 139 2.15 -19.48 -3.59
CA LEU A 139 2.45 -18.30 -4.40
C LEU A 139 3.79 -17.69 -4.01
N ALA A 140 4.12 -17.73 -2.73
CA ALA A 140 5.40 -17.18 -2.27
C ALA A 140 6.56 -18.01 -2.84
N GLN A 141 6.31 -19.30 -3.06
CA GLN A 141 7.30 -20.22 -3.62
C GLN A 141 7.28 -20.18 -5.15
N GLN A 142 6.66 -19.15 -5.73
CA GLN A 142 6.57 -19.02 -7.19
C GLN A 142 5.92 -20.22 -7.89
N VAL A 143 4.78 -20.64 -7.38
CA VAL A 143 4.06 -21.77 -7.95
C VAL A 143 2.77 -21.26 -8.57
N LEU A 144 2.61 -21.50 -9.87
CA LEU A 144 1.42 -21.05 -10.58
C LEU A 144 0.25 -22.00 -10.33
N LEU A 145 -0.83 -21.46 -9.78
CA LEU A 145 -2.02 -22.25 -9.50
C LEU A 145 -3.09 -22.03 -10.58
N LYS A 146 -3.16 -20.80 -11.11
CA LYS A 146 -4.14 -20.46 -12.14
C LYS A 146 -3.88 -21.29 -13.38
N GLY A 147 -4.91 -22.02 -13.82
CA GLY A 147 -4.82 -22.87 -15.01
C GLY A 147 -3.97 -24.11 -14.77
N ALA A 148 -3.73 -24.46 -13.51
CA ALA A 148 -2.92 -25.64 -13.20
C ALA A 148 -3.73 -26.86 -12.84
N THR A 149 -3.10 -28.02 -12.99
CA THR A 149 -3.74 -29.30 -12.68
C THR A 149 -3.25 -29.62 -11.29
N ILE A 150 -4.19 -29.89 -10.39
CA ILE A 150 -3.81 -30.18 -9.02
C ILE A 150 -4.39 -31.47 -8.47
N LEU A 151 -3.57 -32.13 -7.66
CA LEU A 151 -3.94 -33.37 -7.02
C LEU A 151 -3.92 -33.10 -5.53
N LEU A 152 -5.06 -33.25 -4.88
CA LEU A 152 -5.19 -33.05 -3.45
C LEU A 152 -5.35 -34.44 -2.86
N ILE A 153 -4.30 -34.92 -2.19
CA ILE A 153 -4.34 -36.24 -1.57
C ILE A 153 -4.95 -36.12 -0.19
N GLY A 154 -6.10 -36.76 -0.01
CA GLY A 154 -6.80 -36.73 1.27
C GLY A 154 -8.15 -36.05 1.12
N ALA A 155 -9.08 -36.40 1.99
CA ALA A 155 -10.41 -35.83 1.97
C ALA A 155 -10.95 -35.61 3.39
N GLY A 156 -10.04 -35.35 4.33
CA GLY A 156 -10.42 -35.11 5.71
C GLY A 156 -10.67 -33.64 5.91
N GLY A 157 -10.50 -33.16 7.15
CA GLY A 157 -10.70 -31.76 7.48
C GLY A 157 -9.67 -30.83 6.87
N ALA A 158 -8.42 -31.28 6.81
CA ALA A 158 -7.35 -30.47 6.24
C ALA A 158 -7.60 -30.24 4.75
N ALA A 159 -8.08 -31.26 4.05
CA ALA A 159 -8.35 -31.14 2.63
C ALA A 159 -9.55 -30.22 2.41
N ARG A 160 -10.62 -30.46 3.16
CA ARG A 160 -11.81 -29.65 3.02
C ARG A 160 -11.57 -28.16 3.29
N GLY A 161 -10.68 -27.86 4.24
CA GLY A 161 -10.37 -26.48 4.57
C GLY A 161 -9.55 -25.72 3.54
N VAL A 162 -8.92 -26.43 2.61
CA VAL A 162 -8.11 -25.78 1.59
C VAL A 162 -8.76 -25.74 0.20
N LEU A 163 -9.87 -26.43 0.01
CA LEU A 163 -10.54 -26.42 -1.30
C LEU A 163 -10.97 -25.06 -1.84
N LYS A 164 -11.76 -24.32 -1.07
CA LYS A 164 -12.23 -23.01 -1.54
C LYS A 164 -11.06 -22.12 -1.94
N PRO A 165 -10.12 -21.87 -1.01
CA PRO A 165 -9.00 -21.01 -1.40
C PRO A 165 -8.28 -21.47 -2.67
N LEU A 166 -8.11 -22.78 -2.86
CA LEU A 166 -7.45 -23.27 -4.07
C LEU A 166 -8.31 -22.95 -5.29
N LEU A 167 -9.61 -23.19 -5.18
CA LEU A 167 -10.54 -22.92 -6.28
C LEU A 167 -10.60 -21.45 -6.69
N ASP A 168 -10.38 -20.55 -5.74
CA ASP A 168 -10.41 -19.11 -6.03
C ASP A 168 -9.23 -18.70 -6.92
N GLN A 169 -8.20 -19.53 -6.98
CA GLN A 169 -7.02 -19.25 -7.80
C GLN A 169 -7.26 -19.64 -9.27
N GLN A 170 -8.43 -20.24 -9.52
CA GLN A 170 -8.86 -20.69 -10.86
C GLN A 170 -7.95 -21.70 -11.55
N PRO A 171 -7.78 -22.87 -10.92
CA PRO A 171 -6.94 -23.89 -11.51
C PRO A 171 -7.72 -24.58 -12.62
N ALA A 172 -7.00 -25.24 -13.53
CA ALA A 172 -7.66 -25.94 -14.62
C ALA A 172 -8.54 -27.04 -14.00
N SER A 173 -8.04 -27.66 -12.95
CA SER A 173 -8.79 -28.71 -12.27
C SER A 173 -8.11 -29.17 -11.00
N ILE A 174 -8.92 -29.70 -10.10
CA ILE A 174 -8.43 -30.21 -8.83
C ILE A 174 -8.97 -31.63 -8.71
N THR A 175 -8.06 -32.57 -8.55
CA THR A 175 -8.45 -33.97 -8.40
C THR A 175 -8.34 -34.32 -6.94
N VAL A 176 -9.46 -34.66 -6.33
CA VAL A 176 -9.48 -35.03 -4.92
C VAL A 176 -9.36 -36.54 -4.83
N THR A 177 -8.33 -37.05 -4.16
CA THR A 177 -8.17 -38.49 -4.04
C THR A 177 -8.08 -38.84 -2.58
N ASN A 178 -8.52 -40.04 -2.24
CA ASN A 178 -8.48 -40.47 -0.86
C ASN A 178 -8.52 -41.99 -0.79
N ARG A 179 -7.88 -42.53 0.24
CA ARG A 179 -7.84 -43.97 0.46
C ARG A 179 -9.24 -44.56 0.29
N THR A 180 -10.19 -44.02 1.05
CA THR A 180 -11.58 -44.49 0.95
C THR A 180 -12.24 -43.52 -0.04
N PHE A 181 -12.39 -43.99 -1.28
CA PHE A 181 -12.99 -43.20 -2.35
C PHE A 181 -14.27 -42.43 -2.05
N ALA A 182 -15.28 -43.11 -1.52
CA ALA A 182 -16.55 -42.47 -1.20
C ALA A 182 -16.40 -41.06 -0.63
N LYS A 183 -15.58 -40.93 0.41
CA LYS A 183 -15.35 -39.64 1.06
C LYS A 183 -14.73 -38.58 0.12
N ALA A 184 -13.98 -39.03 -0.89
CA ALA A 184 -13.34 -38.11 -1.84
C ALA A 184 -14.40 -37.60 -2.80
N GLU A 185 -15.30 -38.49 -3.20
CA GLU A 185 -16.38 -38.16 -4.12
C GLU A 185 -17.35 -37.19 -3.47
N GLN A 186 -17.66 -37.43 -2.20
CA GLN A 186 -18.58 -36.58 -1.44
C GLN A 186 -18.02 -35.17 -1.30
N LEU A 187 -16.71 -35.06 -1.14
CA LEU A 187 -16.06 -33.77 -1.00
C LEU A 187 -16.04 -33.03 -2.35
N ALA A 188 -15.85 -33.77 -3.44
CA ALA A 188 -15.81 -33.18 -4.78
C ALA A 188 -17.18 -32.64 -5.19
N GLU A 189 -18.24 -33.35 -4.82
CA GLU A 189 -19.61 -32.92 -5.15
C GLU A 189 -20.00 -31.73 -4.29
N LEU A 190 -19.43 -31.66 -3.09
CA LEU A 190 -19.72 -30.57 -2.16
C LEU A 190 -19.25 -29.21 -2.70
N VAL A 191 -18.18 -29.22 -3.50
CA VAL A 191 -17.65 -27.98 -4.06
C VAL A 191 -17.65 -27.94 -5.58
N ALA A 192 -18.43 -28.83 -6.19
CA ALA A 192 -18.53 -28.91 -7.65
C ALA A 192 -18.84 -27.59 -8.34
N ALA A 193 -19.76 -26.82 -7.76
CA ALA A 193 -20.16 -25.54 -8.32
C ALA A 193 -19.07 -24.45 -8.33
N TYR A 194 -18.08 -24.55 -7.44
CA TYR A 194 -17.03 -23.54 -7.38
C TYR A 194 -15.89 -23.74 -8.39
N GLY A 195 -15.94 -24.80 -9.18
CA GLY A 195 -14.89 -25.05 -10.17
C GLY A 195 -14.85 -26.46 -10.70
N GLU A 196 -13.83 -26.74 -11.52
CA GLU A 196 -13.64 -28.06 -12.11
C GLU A 196 -13.04 -29.00 -11.08
N VAL A 197 -13.88 -29.81 -10.45
CA VAL A 197 -13.41 -30.75 -9.44
C VAL A 197 -13.96 -32.16 -9.64
N LYS A 198 -13.07 -33.14 -9.57
CA LYS A 198 -13.44 -34.54 -9.74
C LYS A 198 -12.68 -35.41 -8.74
N ALA A 199 -13.24 -36.57 -8.42
CA ALA A 199 -12.61 -37.48 -7.47
C ALA A 199 -12.18 -38.81 -8.09
N GLN A 200 -11.14 -39.41 -7.50
CA GLN A 200 -10.58 -40.67 -7.94
C GLN A 200 -9.88 -41.40 -6.79
N ALA A 201 -9.96 -42.74 -6.79
CA ALA A 201 -9.32 -43.56 -5.75
C ALA A 201 -7.84 -43.58 -6.07
N PHE A 202 -7.00 -44.09 -5.17
CA PHE A 202 -5.57 -44.11 -5.47
C PHE A 202 -5.24 -44.95 -6.70
N GLU A 203 -5.85 -46.13 -6.78
CA GLU A 203 -5.63 -47.04 -7.90
C GLU A 203 -5.90 -46.39 -9.26
N GLN A 204 -6.83 -45.45 -9.29
CA GLN A 204 -7.18 -44.75 -10.53
C GLN A 204 -6.14 -43.72 -10.96
N LEU A 205 -5.37 -43.20 -10.01
CA LEU A 205 -4.34 -42.22 -10.33
C LEU A 205 -3.21 -42.80 -11.16
N LYS A 206 -3.24 -42.51 -12.46
CA LYS A 206 -2.24 -42.98 -13.42
C LYS A 206 -1.86 -41.85 -14.37
N GLN A 207 -1.45 -40.73 -13.81
N GLN A 207 -1.46 -40.73 -13.81
CA GLN A 207 -1.05 -39.57 -14.61
CA GLN A 207 -1.06 -39.57 -14.60
C GLN A 207 -0.38 -38.56 -13.69
C GLN A 207 -0.40 -38.55 -13.69
N SER A 208 0.46 -37.72 -14.27
CA SER A 208 1.18 -36.71 -13.51
C SER A 208 0.39 -35.39 -13.42
N TYR A 209 0.72 -34.60 -12.40
CA TYR A 209 0.08 -33.32 -12.14
C TYR A 209 1.09 -32.20 -11.94
N ASP A 210 0.65 -30.96 -12.12
CA ASP A 210 1.50 -29.78 -11.96
C ASP A 210 1.81 -29.54 -10.49
N VAL A 211 0.81 -29.73 -9.64
CA VAL A 211 0.98 -29.53 -8.20
C VAL A 211 0.34 -30.66 -7.41
N ILE A 212 1.11 -31.32 -6.55
CA ILE A 212 0.61 -32.41 -5.72
C ILE A 212 0.65 -31.96 -4.27
N ILE A 213 -0.52 -31.97 -3.62
CA ILE A 213 -0.62 -31.56 -2.23
C ILE A 213 -1.00 -32.72 -1.31
N ASN A 214 -0.16 -32.98 -0.31
CA ASN A 214 -0.42 -34.07 0.64
C ASN A 214 -1.02 -33.53 1.92
N SER A 215 -2.28 -33.87 2.18
CA SER A 215 -2.98 -33.43 3.39
C SER A 215 -3.31 -34.59 4.33
N THR A 216 -2.74 -35.76 4.07
CA THR A 216 -3.01 -36.94 4.90
C THR A 216 -2.10 -37.07 6.13
N SER A 217 -2.51 -37.96 7.03
CA SER A 217 -1.79 -38.25 8.26
C SER A 217 -0.79 -39.39 8.06
N ALA A 218 -0.99 -40.18 7.01
CA ALA A 218 -0.12 -41.32 6.68
C ALA A 218 1.31 -41.16 7.20
N SER A 219 1.87 -39.97 7.00
CA SER A 219 3.23 -39.67 7.43
C SER A 219 3.47 -39.85 8.93
N LEU A 220 2.47 -39.55 9.75
CA LEU A 220 2.62 -39.70 11.21
C LEU A 220 2.98 -41.14 11.54
N ASP A 221 2.34 -42.07 10.84
CA ASP A 221 2.59 -43.50 11.05
C ASP A 221 3.79 -43.99 10.24
N GLY A 222 4.51 -43.06 9.62
CA GLY A 222 5.68 -43.40 8.81
C GLY A 222 5.33 -44.16 7.55
N GLU A 223 4.11 -43.97 7.06
CA GLU A 223 3.66 -44.64 5.85
C GLU A 223 3.32 -43.67 4.74
N LEU A 224 3.29 -44.18 3.52
CA LEU A 224 2.98 -43.41 2.34
C LEU A 224 1.65 -43.87 1.79
N PRO A 225 0.87 -42.94 1.21
CA PRO A 225 -0.41 -43.37 0.67
C PRO A 225 -0.16 -44.35 -0.48
N ALA A 226 -0.98 -45.39 -0.57
CA ALA A 226 -0.85 -46.40 -1.61
C ALA A 226 -1.12 -45.82 -2.98
N ILE A 227 -0.18 -45.05 -3.50
CA ILE A 227 -0.31 -44.41 -4.80
C ILE A 227 0.93 -44.66 -5.66
N ASP A 228 0.70 -44.99 -6.92
CA ASP A 228 1.79 -45.24 -7.84
C ASP A 228 2.53 -43.92 -8.06
N PRO A 229 3.85 -43.91 -7.83
CA PRO A 229 4.66 -42.68 -7.99
C PRO A 229 4.66 -42.05 -9.38
N VAL A 230 3.90 -42.61 -10.32
CA VAL A 230 3.83 -42.06 -11.66
C VAL A 230 3.25 -40.65 -11.56
N ILE A 231 2.51 -40.37 -10.48
CA ILE A 231 1.92 -39.04 -10.32
C ILE A 231 2.99 -37.94 -10.28
N PHE A 232 4.21 -38.29 -9.91
CA PHE A 232 5.28 -37.30 -9.85
C PHE A 232 6.01 -37.21 -11.18
N SER A 233 6.27 -35.98 -11.60
CA SER A 233 6.97 -35.71 -12.86
C SER A 233 8.06 -34.70 -12.55
N SER A 234 9.00 -34.53 -13.48
CA SER A 234 10.08 -33.59 -13.26
C SER A 234 9.61 -32.14 -13.22
N ARG A 235 8.34 -31.89 -13.57
CA ARG A 235 7.81 -30.53 -13.55
C ARG A 235 6.95 -30.34 -12.31
N SER A 236 6.58 -31.45 -11.69
CA SER A 236 5.73 -31.44 -10.49
C SER A 236 6.25 -30.74 -9.26
N VAL A 237 5.35 -30.00 -8.63
CA VAL A 237 5.63 -29.28 -7.41
C VAL A 237 4.89 -30.05 -6.36
N CYS A 238 5.60 -30.52 -5.34
CA CYS A 238 4.99 -31.28 -4.28
C CYS A 238 4.97 -30.45 -3.01
N TYR A 239 3.80 -30.38 -2.38
CA TYR A 239 3.66 -29.63 -1.17
C TYR A 239 3.11 -30.56 -0.10
N ASP A 240 3.78 -30.62 1.03
CA ASP A 240 3.36 -31.49 2.12
C ASP A 240 2.95 -30.62 3.29
N MET A 241 1.77 -30.84 3.86
CA MET A 241 1.32 -30.04 4.99
C MET A 241 2.18 -30.30 6.22
N MET A 242 2.85 -31.45 6.24
N MET A 242 2.85 -31.45 6.24
CA MET A 242 3.72 -31.83 7.33
CA MET A 242 3.72 -31.80 7.35
C MET A 242 5.04 -31.06 7.15
C MET A 242 5.04 -31.07 7.15
N TYR A 243 5.80 -30.94 8.23
CA TYR A 243 7.07 -30.26 8.19
C TYR A 243 7.92 -30.81 9.32
N GLY A 244 9.22 -30.53 9.27
CA GLY A 244 10.14 -31.00 10.29
C GLY A 244 11.57 -30.79 9.87
N LYS A 245 12.48 -31.45 10.57
CA LYS A 245 13.91 -31.34 10.27
C LYS A 245 14.13 -32.04 8.94
N GLY A 246 14.94 -31.42 8.07
CA GLY A 246 15.23 -32.00 6.75
C GLY A 246 13.98 -32.09 5.89
N TYR A 247 13.94 -33.09 5.00
CA TYR A 247 12.78 -33.30 4.13
C TYR A 247 11.81 -34.27 4.76
N THR A 248 10.53 -34.11 4.49
CA THR A 248 9.51 -34.98 5.03
C THR A 248 9.51 -36.30 4.26
N VAL A 249 8.93 -37.33 4.86
CA VAL A 249 8.88 -38.64 4.22
C VAL A 249 8.22 -38.53 2.85
N PHE A 250 7.07 -37.86 2.79
CA PHE A 250 6.35 -37.70 1.53
C PHE A 250 7.21 -36.98 0.47
N ASN A 251 7.96 -35.95 0.88
CA ASN A 251 8.82 -35.22 -0.06
C ASN A 251 10.07 -36.00 -0.49
N GLN A 252 10.56 -36.89 0.37
CA GLN A 252 11.74 -37.66 0.00
C GLN A 252 11.26 -38.58 -1.12
N TRP A 253 10.03 -39.07 -0.95
CA TRP A 253 9.42 -39.95 -1.92
C TRP A 253 9.20 -39.23 -3.25
N ALA A 254 8.81 -37.96 -3.18
CA ALA A 254 8.59 -37.16 -4.37
C ALA A 254 9.94 -36.95 -5.06
N ARG A 255 10.98 -36.70 -4.28
CA ARG A 255 12.32 -36.49 -4.82
C ARG A 255 12.90 -37.73 -5.48
N GLN A 256 12.41 -38.91 -5.09
CA GLN A 256 12.88 -40.17 -5.67
C GLN A 256 12.34 -40.35 -7.09
N HIS A 257 11.54 -39.40 -7.55
CA HIS A 257 10.98 -39.46 -8.89
C HIS A 257 11.17 -38.13 -9.64
N GLY A 258 12.23 -37.41 -9.27
CA GLY A 258 12.61 -36.13 -9.87
C GLY A 258 11.69 -34.92 -9.88
N CYS A 259 10.95 -34.68 -8.80
CA CYS A 259 10.04 -33.53 -8.75
C CYS A 259 10.80 -32.23 -8.98
N ALA A 260 10.11 -31.21 -9.46
CA ALA A 260 10.74 -29.92 -9.71
C ALA A 260 10.92 -29.08 -8.45
N GLN A 261 10.08 -29.30 -7.45
CA GLN A 261 10.18 -28.53 -6.24
C GLN A 261 9.36 -29.21 -5.13
N ALA A 262 10.01 -29.47 -3.99
CA ALA A 262 9.37 -30.12 -2.84
C ALA A 262 9.30 -29.13 -1.69
N ILE A 263 8.09 -28.85 -1.22
CA ILE A 263 7.89 -27.90 -0.13
C ILE A 263 7.14 -28.50 1.06
N ASP A 264 7.48 -28.07 2.28
CA ASP A 264 6.80 -28.59 3.48
C ASP A 264 5.76 -27.57 3.96
N GLY A 265 5.00 -27.92 4.99
CA GLY A 265 3.96 -27.03 5.52
C GLY A 265 4.30 -25.93 6.51
N LEU A 266 5.57 -25.70 6.78
CA LEU A 266 5.98 -24.66 7.74
C LEU A 266 5.45 -23.30 7.28
N GLY A 267 5.51 -23.06 5.97
CA GLY A 267 5.03 -21.79 5.38
C GLY A 267 3.52 -21.66 5.52
N MET A 268 2.83 -22.79 5.53
CA MET A 268 1.37 -22.78 5.67
C MET A 268 1.03 -22.32 7.08
N LEU A 269 1.73 -22.88 8.07
CA LEU A 269 1.52 -22.53 9.48
C LEU A 269 1.75 -21.04 9.68
N VAL A 270 2.88 -20.54 9.20
CA VAL A 270 3.18 -19.12 9.36
C VAL A 270 2.18 -18.27 8.58
N GLY A 271 1.76 -18.77 7.42
CA GLY A 271 0.80 -18.07 6.57
C GLY A 271 -0.60 -17.96 7.16
N GLN A 272 -1.10 -19.06 7.74
CA GLN A 272 -2.44 -19.03 8.33
C GLN A 272 -2.42 -18.09 9.54
N ALA A 273 -1.31 -18.10 10.27
CA ALA A 273 -1.15 -17.24 11.44
C ALA A 273 -1.22 -15.77 11.02
N ALA A 274 -0.51 -15.43 9.95
CA ALA A 274 -0.48 -14.06 9.43
C ALA A 274 -1.87 -13.57 9.01
N GLU A 275 -2.65 -14.43 8.35
N GLU A 275 -2.63 -14.45 8.36
CA GLU A 275 -3.99 -14.03 7.91
CA GLU A 275 -3.97 -14.13 7.90
C GLU A 275 -4.86 -13.72 9.14
C GLU A 275 -4.86 -13.77 9.10
N SER A 276 -4.76 -14.56 10.16
CA SER A 276 -5.53 -14.36 11.38
C SER A 276 -5.11 -13.04 12.04
N PHE A 277 -3.82 -12.75 11.98
CA PHE A 277 -3.26 -11.55 12.57
C PHE A 277 -3.81 -10.31 11.84
N MET A 278 -3.94 -10.41 10.52
CA MET A 278 -4.47 -9.30 9.74
C MET A 278 -5.94 -9.11 10.08
N LEU A 279 -6.65 -10.23 10.19
CA LEU A 279 -8.06 -10.19 10.52
C LEU A 279 -8.26 -9.47 11.85
N TRP A 280 -7.38 -9.69 12.82
CA TRP A 280 -7.54 -9.03 14.11
C TRP A 280 -6.93 -7.64 14.23
N ARG A 281 -5.79 -7.38 13.60
CA ARG A 281 -5.16 -6.07 13.73
C ARG A 281 -5.29 -5.09 12.55
N GLY A 282 -5.83 -5.54 11.42
CA GLY A 282 -5.99 -4.67 10.27
C GLY A 282 -4.74 -4.49 9.43
N LEU A 283 -3.59 -4.90 9.95
CA LEU A 283 -2.31 -4.79 9.26
C LEU A 283 -1.79 -6.19 8.99
N ARG A 284 -0.92 -6.32 7.98
CA ARG A 284 -0.36 -7.61 7.63
C ARG A 284 1.10 -7.64 8.07
N PRO A 285 1.52 -8.76 8.71
CA PRO A 285 2.89 -8.85 9.15
C PRO A 285 3.77 -9.64 8.19
N GLY A 286 5.08 -9.53 8.37
CA GLY A 286 6.05 -10.24 7.52
C GLY A 286 6.29 -11.65 7.99
N THR A 287 6.27 -12.59 7.05
CA THR A 287 6.48 -13.99 7.36
C THR A 287 7.89 -14.53 7.13
N LYS A 288 8.69 -13.88 6.28
CA LYS A 288 10.06 -14.34 6.01
C LYS A 288 10.91 -14.50 7.26
N GLN A 289 11.06 -13.41 8.01
CA GLN A 289 11.84 -13.41 9.24
C GLN A 289 11.44 -14.55 10.17
N ILE A 290 10.15 -14.62 10.48
CA ILE A 290 9.62 -15.66 11.36
C ILE A 290 9.82 -17.06 10.82
N LEU A 291 9.49 -17.25 9.55
CA LEU A 291 9.64 -18.55 8.91
C LEU A 291 11.08 -19.03 9.00
N ARG A 292 12.04 -18.11 8.88
CA ARG A 292 13.45 -18.50 8.94
C ARG A 292 13.85 -18.87 10.38
N GLU A 293 13.29 -18.19 11.39
CA GLU A 293 13.60 -18.48 12.79
C GLU A 293 13.12 -19.88 13.15
N LEU A 294 11.88 -20.18 12.79
CA LEU A 294 11.30 -21.49 13.07
C LEU A 294 12.11 -22.58 12.38
N ARG A 295 12.57 -22.30 11.16
CA ARG A 295 13.35 -23.26 10.41
C ARG A 295 14.62 -23.60 11.20
N LYS A 296 15.26 -22.58 11.77
CA LYS A 296 16.48 -22.79 12.56
C LYS A 296 16.24 -23.67 13.78
N ASN A 297 15.09 -23.50 14.41
CA ASN A 297 14.75 -24.28 15.59
C ASN A 297 14.58 -25.77 15.23
N LEU A 298 14.03 -26.02 14.05
CA LEU A 298 13.83 -27.39 13.57
C LEU A 298 15.16 -28.08 13.32
N GLU A 299 16.05 -27.37 12.64
CA GLU A 299 17.38 -27.89 12.32
C GLU A 299 18.29 -27.81 13.54
N GLY A 300 18.00 -28.61 14.55
CA GLY A 300 18.79 -28.63 15.78
C GLY A 300 18.64 -27.35 16.58
N ILE B 29 -4.85 39.24 -24.25
CA ILE B 29 -4.92 37.76 -24.13
C ILE B 29 -3.56 37.17 -23.80
N ASP B 30 -3.40 36.71 -22.56
CA ASP B 30 -2.14 36.12 -22.11
C ASP B 30 -1.90 34.75 -22.74
N GLN B 31 -0.65 34.52 -23.15
CA GLN B 31 -0.24 33.27 -23.78
C GLN B 31 0.39 32.29 -22.80
N TYR B 32 -0.01 31.03 -22.92
CA TYR B 32 0.50 29.95 -22.09
C TYR B 32 0.58 28.73 -22.99
N ALA B 33 1.33 27.73 -22.59
CA ALA B 33 1.47 26.54 -23.41
C ALA B 33 2.15 25.39 -22.67
N VAL B 34 2.24 24.25 -23.36
CA VAL B 34 2.87 23.06 -22.82
C VAL B 34 3.88 22.59 -23.86
N PHE B 35 5.13 22.38 -23.45
CA PHE B 35 6.16 21.93 -24.37
C PHE B 35 6.44 20.44 -24.22
N GLY B 36 6.56 19.75 -25.36
CA GLY B 36 6.83 18.31 -25.37
C GLY B 36 6.24 17.55 -26.54
N ASN B 37 6.37 16.22 -26.47
CA ASN B 37 5.87 15.31 -27.50
C ASN B 37 4.51 14.75 -27.07
N HIS B 41 -1.40 13.30 -27.79
CA HIS B 41 -2.25 14.47 -27.61
C HIS B 41 -2.40 14.81 -26.13
N SER B 42 -1.78 15.92 -25.73
CA SER B 42 -1.84 16.37 -24.35
C SER B 42 -3.27 16.75 -24.01
N LYS B 43 -3.58 16.77 -22.72
CA LYS B 43 -4.90 17.12 -22.25
C LYS B 43 -4.86 18.51 -21.60
N SER B 44 -3.65 19.02 -21.38
CA SER B 44 -3.50 20.33 -20.75
C SER B 44 -4.27 21.45 -21.45
N PRO B 45 -4.13 21.58 -22.78
CA PRO B 45 -4.88 22.65 -23.46
C PRO B 45 -6.36 22.58 -23.14
N PHE B 46 -6.91 21.37 -23.15
CA PHE B 46 -8.32 21.13 -22.86
C PHE B 46 -8.63 21.52 -21.42
N ILE B 47 -7.77 21.11 -20.50
CA ILE B 47 -7.94 21.40 -19.08
C ILE B 47 -7.82 22.89 -18.74
N HIS B 48 -6.77 23.55 -19.21
CA HIS B 48 -6.59 24.98 -18.92
C HIS B 48 -7.58 25.89 -19.64
N THR B 49 -8.03 25.49 -20.82
CA THR B 49 -8.98 26.31 -21.58
C THR B 49 -10.28 26.30 -20.78
N LEU B 50 -10.61 25.16 -20.18
CA LEU B 50 -11.81 25.04 -19.36
C LEU B 50 -11.66 25.79 -18.05
N PHE B 51 -10.46 25.79 -17.44
CA PHE B 51 -10.32 26.53 -16.19
C PHE B 51 -10.52 28.02 -16.49
N ALA B 52 -9.88 28.49 -17.56
CA ALA B 52 -9.97 29.88 -17.98
C ALA B 52 -11.41 30.30 -18.26
N ARG B 53 -12.18 29.40 -18.85
CA ARG B 53 -13.57 29.69 -19.17
C ARG B 53 -14.42 29.79 -17.91
N GLN B 54 -14.19 28.91 -16.95
CA GLN B 54 -14.96 28.93 -15.70
C GLN B 54 -14.53 30.06 -14.77
N THR B 55 -13.27 30.49 -14.86
CA THR B 55 -12.78 31.57 -14.01
C THR B 55 -12.65 32.88 -14.80
N GLN B 56 -13.26 32.89 -15.98
CA GLN B 56 -13.27 34.05 -16.88
C GLN B 56 -11.91 34.73 -17.05
N GLN B 57 -10.86 33.94 -17.31
CA GLN B 57 -9.52 34.51 -17.50
C GLN B 57 -9.24 34.72 -18.98
N SER B 58 -8.77 35.92 -19.32
CA SER B 58 -8.44 36.26 -20.71
C SER B 58 -7.09 35.66 -21.04
N MET B 59 -7.08 34.37 -21.36
CA MET B 59 -5.86 33.64 -21.68
C MET B 59 -6.09 32.55 -22.72
N ILE B 60 -5.00 32.04 -23.28
CA ILE B 60 -5.05 30.98 -24.28
C ILE B 60 -3.91 30.04 -23.95
N TYR B 61 -4.19 28.74 -24.02
CA TYR B 61 -3.18 27.74 -23.72
C TYR B 61 -3.06 26.80 -24.92
N THR B 62 -1.88 26.74 -25.53
CA THR B 62 -1.66 25.88 -26.68
C THR B 62 -0.64 24.78 -26.40
N ALA B 63 -0.53 23.85 -27.33
CA ALA B 63 0.42 22.75 -27.20
C ALA B 63 1.48 23.04 -28.25
N GLN B 64 2.75 23.10 -27.84
CA GLN B 64 3.82 23.38 -28.78
C GLN B 64 4.95 22.37 -28.71
N CYS B 65 5.47 22.04 -29.89
CA CYS B 65 6.55 21.08 -30.04
C CYS B 65 7.90 21.63 -29.62
N VAL B 66 8.79 20.72 -29.25
CA VAL B 66 10.14 21.07 -28.84
C VAL B 66 10.93 20.87 -30.13
N PRO B 67 11.36 21.97 -30.77
CA PRO B 67 12.13 21.87 -32.02
C PRO B 67 13.43 21.09 -31.94
N VAL B 68 14.06 20.89 -33.09
CA VAL B 68 15.32 20.16 -33.18
C VAL B 68 16.42 20.82 -32.37
N ASP B 69 16.34 22.15 -32.21
CA ASP B 69 17.35 22.89 -31.44
C ASP B 69 17.06 22.98 -29.94
N GLY B 70 16.48 21.91 -29.37
CA GLY B 70 16.15 21.82 -27.94
C GLY B 70 15.12 22.73 -27.31
N PHE B 71 14.74 22.39 -26.08
CA PHE B 71 13.76 23.13 -25.30
C PHE B 71 14.15 24.56 -24.94
N THR B 72 15.36 24.74 -24.41
CA THR B 72 15.84 26.06 -24.02
C THR B 72 15.53 27.12 -25.08
N GLU B 73 15.98 26.89 -26.31
CA GLU B 73 15.75 27.84 -27.39
C GLU B 73 14.26 28.09 -27.60
N ALA B 74 13.46 27.02 -27.53
CA ALA B 74 12.03 27.14 -27.69
C ALA B 74 11.48 28.05 -26.59
N ALA B 75 12.02 27.87 -25.39
CA ALA B 75 11.62 28.66 -24.22
C ALA B 75 11.99 30.13 -24.40
N LYS B 76 13.23 30.40 -24.80
CA LYS B 76 13.65 31.78 -25.00
C LYS B 76 12.69 32.47 -25.95
N HIS B 77 12.44 31.84 -27.09
CA HIS B 77 11.54 32.38 -28.11
C HIS B 77 10.11 32.56 -27.59
N PHE B 78 9.66 31.66 -26.71
CA PHE B 78 8.31 31.76 -26.15
C PHE B 78 8.17 32.99 -25.24
N PHE B 79 9.07 33.13 -24.27
CA PHE B 79 9.01 34.28 -23.37
C PHE B 79 9.53 35.53 -24.08
N ALA B 80 10.07 35.36 -25.28
CA ALA B 80 10.60 36.46 -26.07
C ALA B 80 9.40 37.21 -26.65
N GLN B 81 8.49 36.49 -27.29
CA GLN B 81 7.31 37.12 -27.87
C GLN B 81 6.47 37.78 -26.79
N GLY B 82 6.22 37.04 -25.70
CA GLY B 82 5.42 37.55 -24.60
C GLY B 82 4.69 36.54 -23.73
N GLY B 83 4.99 35.25 -23.91
CA GLY B 83 4.33 34.21 -23.12
C GLY B 83 4.58 34.45 -21.65
N ARG B 84 3.57 34.22 -20.81
CA ARG B 84 3.73 34.45 -19.36
C ARG B 84 4.05 33.18 -18.56
N GLY B 85 3.74 32.00 -19.08
CA GLY B 85 4.02 30.77 -18.37
C GLY B 85 3.74 29.51 -19.16
N CYS B 86 4.30 28.38 -18.72
CA CYS B 86 4.08 27.14 -19.43
C CYS B 86 4.42 25.89 -18.63
N ASN B 87 3.88 24.78 -19.09
CA ASN B 87 4.11 23.48 -18.48
C ASN B 87 5.18 22.79 -19.33
N VAL B 88 5.91 21.88 -18.70
CA VAL B 88 6.96 21.12 -19.36
C VAL B 88 6.77 19.64 -19.04
N THR B 89 6.77 18.82 -20.07
CA THR B 89 6.60 17.38 -19.91
C THR B 89 7.95 16.69 -19.93
N VAL B 90 7.93 15.40 -19.60
CA VAL B 90 9.14 14.61 -19.60
C VAL B 90 9.53 14.47 -21.07
N PRO B 91 10.83 14.37 -21.37
CA PRO B 91 11.96 14.39 -20.44
C PRO B 91 12.68 15.74 -20.49
N PHE B 92 11.92 16.83 -20.38
CA PHE B 92 12.51 18.18 -20.43
C PHE B 92 12.43 18.90 -19.08
N LYS B 93 11.96 18.21 -18.05
CA LYS B 93 11.84 18.84 -16.72
C LYS B 93 13.17 19.22 -16.07
N GLU B 94 14.24 18.50 -16.40
CA GLU B 94 15.55 18.81 -15.82
C GLU B 94 16.13 20.03 -16.55
N GLU B 95 15.88 20.11 -17.86
CA GLU B 95 16.39 21.23 -18.65
C GLU B 95 15.63 22.51 -18.27
N ALA B 96 14.35 22.36 -17.91
CA ALA B 96 13.53 23.51 -17.50
C ALA B 96 14.03 24.01 -16.15
N TYR B 97 14.52 23.08 -15.34
CA TYR B 97 15.06 23.36 -14.02
C TYR B 97 16.24 24.34 -14.13
N ARG B 98 17.17 24.05 -15.04
CA ARG B 98 18.36 24.89 -15.24
C ARG B 98 18.06 26.17 -16.03
N PHE B 99 16.93 26.18 -16.72
CA PHE B 99 16.52 27.35 -17.51
C PHE B 99 15.98 28.45 -16.62
N ALA B 100 15.23 28.06 -15.59
CA ALA B 100 14.62 29.00 -14.64
C ALA B 100 15.61 29.88 -13.88
N ASP B 101 15.25 31.16 -13.74
CA ASP B 101 16.08 32.14 -13.03
C ASP B 101 15.93 31.93 -11.53
N ARG B 102 14.69 31.68 -11.10
CA ARG B 102 14.37 31.45 -9.69
C ARG B 102 13.72 30.07 -9.57
N LEU B 103 13.83 29.46 -8.40
CA LEU B 103 13.25 28.15 -8.16
C LEU B 103 12.57 28.03 -6.82
N THR B 104 11.40 27.42 -6.80
CA THR B 104 10.67 27.24 -5.56
C THR B 104 11.42 26.15 -4.80
N GLU B 105 11.18 26.06 -3.50
CA GLU B 105 11.85 25.06 -2.68
C GLU B 105 11.50 23.65 -3.17
N ARG B 106 10.21 23.41 -3.42
CA ARG B 106 9.77 22.10 -3.89
C ARG B 106 10.38 21.73 -5.26
N ALA B 107 10.68 22.74 -6.08
CA ALA B 107 11.28 22.48 -7.39
C ALA B 107 12.76 22.15 -7.18
N ARG B 108 13.34 22.79 -6.17
CA ARG B 108 14.74 22.61 -5.82
C ARG B 108 14.91 21.18 -5.31
N LEU B 109 14.05 20.78 -4.38
CA LEU B 109 14.11 19.44 -3.81
C LEU B 109 13.77 18.36 -4.85
N ALA B 110 12.86 18.68 -5.77
CA ALA B 110 12.46 17.73 -6.81
C ALA B 110 13.50 17.61 -7.93
N GLY B 111 14.31 18.65 -8.11
CA GLY B 111 15.35 18.63 -9.15
C GLY B 111 14.77 18.65 -10.55
N ALA B 112 13.51 19.06 -10.66
CA ALA B 112 12.81 19.14 -11.95
C ALA B 112 11.73 20.22 -11.88
N VAL B 113 11.43 20.81 -13.04
CA VAL B 113 10.43 21.85 -13.15
C VAL B 113 9.41 21.51 -14.22
N ASN B 114 8.13 21.54 -13.85
CA ASN B 114 7.07 21.25 -14.82
C ASN B 114 6.28 22.53 -15.11
N THR B 115 6.53 23.57 -14.33
CA THR B 115 5.84 24.85 -14.50
C THR B 115 6.77 26.07 -14.45
N LEU B 116 6.70 26.89 -15.50
CA LEU B 116 7.51 28.11 -15.60
C LEU B 116 6.55 29.29 -15.55
N LYS B 117 6.99 30.38 -14.93
CA LYS B 117 6.18 31.59 -14.81
C LYS B 117 7.03 32.84 -14.86
N LYS B 118 6.66 33.77 -15.73
CA LYS B 118 7.40 35.02 -15.84
C LYS B 118 6.85 35.94 -14.76
N LEU B 119 7.72 36.36 -13.85
CA LEU B 119 7.31 37.24 -12.76
C LEU B 119 7.27 38.70 -13.23
N ASP B 120 6.84 39.60 -12.35
CA ASP B 120 6.74 41.03 -12.67
C ASP B 120 8.07 41.71 -13.00
N ASP B 121 9.16 41.24 -12.38
CA ASP B 121 10.49 41.82 -12.60
C ASP B 121 11.27 41.19 -13.77
N GLY B 122 10.56 40.56 -14.70
CA GLY B 122 11.19 39.93 -15.86
C GLY B 122 11.82 38.56 -15.68
N GLU B 123 12.08 38.15 -14.44
CA GLU B 123 12.71 36.85 -14.22
C GLU B 123 11.72 35.68 -14.32
N ILE B 124 12.22 34.57 -14.84
CA ILE B 124 11.44 33.35 -15.02
C ILE B 124 11.48 32.46 -13.79
N LEU B 125 10.31 32.17 -13.24
CA LEU B 125 10.20 31.32 -12.06
C LEU B 125 9.97 29.86 -12.44
N GLY B 126 10.72 28.96 -11.81
CA GLY B 126 10.61 27.52 -12.06
C GLY B 126 9.97 26.89 -10.85
N ASP B 127 8.93 26.08 -11.06
CA ASP B 127 8.24 25.42 -9.94
C ASP B 127 7.88 23.99 -10.36
N ASN B 128 7.44 23.17 -9.40
CA ASN B 128 7.04 21.79 -9.70
C ASN B 128 5.70 21.53 -9.01
N THR B 129 4.64 21.40 -9.82
CA THR B 129 3.29 21.17 -9.28
C THR B 129 2.80 19.71 -9.22
N ASP B 130 3.61 18.77 -9.70
CA ASP B 130 3.22 17.35 -9.69
C ASP B 130 2.90 16.84 -8.28
N GLY B 131 3.84 17.01 -7.36
CA GLY B 131 3.64 16.56 -5.99
C GLY B 131 2.38 17.12 -5.35
N GLU B 132 2.17 18.43 -5.47
CA GLU B 132 0.99 19.05 -4.88
C GLU B 132 -0.28 18.51 -5.56
N GLY B 133 -0.22 18.24 -6.86
CA GLY B 133 -1.36 17.71 -7.59
C GLY B 133 -1.79 16.37 -7.00
N LEU B 134 -0.81 15.53 -6.68
CA LEU B 134 -1.06 14.21 -6.10
C LEU B 134 -1.73 14.34 -4.74
N VAL B 135 -1.13 15.15 -3.86
CA VAL B 135 -1.66 15.36 -2.53
C VAL B 135 -3.13 15.77 -2.57
N GLN B 136 -3.43 16.76 -3.39
CA GLN B 136 -4.79 17.24 -3.51
C GLN B 136 -5.75 16.18 -4.03
N ASP B 137 -5.30 15.31 -4.93
CA ASP B 137 -6.19 14.29 -5.44
C ASP B 137 -6.51 13.34 -4.28
N LEU B 138 -5.47 12.92 -3.55
CA LEU B 138 -5.64 12.02 -2.41
C LEU B 138 -6.61 12.61 -1.39
N LEU B 139 -6.39 13.87 -1.00
CA LEU B 139 -7.27 14.53 -0.04
C LEU B 139 -8.69 14.59 -0.59
N ALA B 140 -8.82 14.87 -1.88
CA ALA B 140 -10.13 14.94 -2.54
C ALA B 140 -10.80 13.57 -2.48
N GLN B 141 -10.00 12.52 -2.54
CA GLN B 141 -10.50 11.14 -2.48
C GLN B 141 -10.73 10.75 -1.02
N GLN B 142 -10.60 11.73 -0.12
CA GLN B 142 -10.79 11.53 1.32
C GLN B 142 -9.84 10.47 1.87
N VAL B 143 -8.59 10.55 1.46
CA VAL B 143 -7.56 9.61 1.90
C VAL B 143 -6.79 10.26 3.03
N LEU B 144 -6.81 9.64 4.20
CA LEU B 144 -6.11 10.17 5.36
C LEU B 144 -4.59 10.05 5.24
N LEU B 145 -3.91 11.19 5.21
CA LEU B 145 -2.44 11.23 5.10
C LEU B 145 -1.80 11.48 6.47
N LYS B 146 -2.51 12.17 7.35
CA LYS B 146 -2.03 12.48 8.71
C LYS B 146 -1.73 11.22 9.52
N GLY B 147 -0.48 11.07 9.94
CA GLY B 147 -0.07 9.92 10.74
C GLY B 147 -0.37 8.57 10.12
N ALA B 148 -0.15 8.46 8.81
CA ALA B 148 -0.39 7.22 8.10
C ALA B 148 0.93 6.72 7.55
N THR B 149 1.08 5.40 7.45
CA THR B 149 2.31 4.84 6.93
C THR B 149 2.18 4.88 5.42
N ILE B 150 3.20 5.37 4.74
CA ILE B 150 3.15 5.45 3.29
C ILE B 150 4.31 4.72 2.63
N LEU B 151 4.02 4.10 1.48
CA LEU B 151 5.02 3.36 0.73
C LEU B 151 5.11 3.99 -0.66
N LEU B 152 6.25 4.57 -1.00
CA LEU B 152 6.44 5.19 -2.30
C LEU B 152 7.24 4.24 -3.16
N ILE B 153 6.58 3.64 -4.14
CA ILE B 153 7.23 2.70 -5.04
C ILE B 153 7.83 3.49 -6.21
N GLY B 154 9.14 3.44 -6.33
CA GLY B 154 9.85 4.14 -7.39
C GLY B 154 10.81 5.15 -6.80
N ALA B 155 11.87 5.46 -7.56
CA ALA B 155 12.88 6.41 -7.12
C ALA B 155 13.36 7.31 -8.26
N GLY B 156 12.51 7.49 -9.27
CA GLY B 156 12.85 8.34 -10.42
C GLY B 156 12.37 9.76 -10.20
N GLY B 157 12.19 10.51 -11.30
CA GLY B 157 11.73 11.90 -11.24
C GLY B 157 10.34 12.06 -10.64
N ALA B 158 9.43 11.15 -10.99
CA ALA B 158 8.06 11.20 -10.47
C ALA B 158 8.08 11.07 -8.96
N ALA B 159 8.83 10.10 -8.46
CA ALA B 159 8.93 9.86 -7.03
C ALA B 159 9.61 11.04 -6.33
N ARG B 160 10.72 11.50 -6.89
CA ARG B 160 11.47 12.61 -6.33
C ARG B 160 10.63 13.90 -6.30
N GLY B 161 9.68 14.02 -7.22
CA GLY B 161 8.83 15.21 -7.27
C GLY B 161 7.66 15.22 -6.29
N VAL B 162 7.35 14.07 -5.68
CA VAL B 162 6.23 14.00 -4.73
C VAL B 162 6.57 13.88 -3.24
N LEU B 163 7.83 13.60 -2.89
CA LEU B 163 8.21 13.47 -1.47
C LEU B 163 7.94 14.68 -0.60
N LYS B 164 8.59 15.80 -0.87
CA LYS B 164 8.38 17.00 -0.06
C LYS B 164 6.88 17.24 0.18
N PRO B 165 6.07 17.33 -0.89
CA PRO B 165 4.64 17.56 -0.70
C PRO B 165 3.95 16.52 0.20
N LEU B 166 4.34 15.26 0.10
CA LEU B 166 3.72 14.22 0.95
C LEU B 166 4.16 14.41 2.40
N LEU B 167 5.42 14.75 2.63
CA LEU B 167 5.92 14.97 3.98
C LEU B 167 5.16 16.10 4.67
N ASP B 168 4.87 17.18 3.94
CA ASP B 168 4.13 18.32 4.49
C ASP B 168 2.81 17.92 5.15
N GLN B 169 2.21 16.83 4.67
CA GLN B 169 0.94 16.34 5.22
C GLN B 169 1.17 15.58 6.54
N GLN B 170 2.42 15.59 6.99
CA GLN B 170 2.84 14.93 8.23
C GLN B 170 2.32 13.52 8.47
N PRO B 171 2.86 12.55 7.71
CA PRO B 171 2.46 11.17 7.86
C PRO B 171 3.38 10.54 8.90
N ALA B 172 3.00 9.37 9.44
CA ALA B 172 3.83 8.70 10.43
C ALA B 172 5.23 8.51 9.84
N SER B 173 5.28 8.10 8.58
CA SER B 173 6.54 7.87 7.88
C SER B 173 6.33 7.55 6.41
N ILE B 174 7.43 7.57 5.66
CA ILE B 174 7.41 7.28 4.23
C ILE B 174 8.55 6.34 3.87
N THR B 175 8.19 5.18 3.36
CA THR B 175 9.18 4.19 2.97
C THR B 175 9.34 4.24 1.47
N VAL B 176 10.54 4.60 1.01
CA VAL B 176 10.83 4.67 -0.41
C VAL B 176 11.47 3.35 -0.83
N THR B 177 10.87 2.68 -1.81
CA THR B 177 11.40 1.42 -2.30
C THR B 177 11.54 1.53 -3.81
N ASN B 178 12.52 0.85 -4.38
CA ASN B 178 12.75 0.89 -5.82
C ASN B 178 13.53 -0.34 -6.28
N ARG B 179 13.33 -0.73 -7.54
CA ARG B 179 14.02 -1.89 -8.11
C ARG B 179 15.51 -1.72 -7.87
N THR B 180 16.00 -0.53 -8.15
CA THR B 180 17.40 -0.20 -7.96
C THR B 180 17.49 0.43 -6.57
N PHE B 181 17.65 -0.42 -5.55
CA PHE B 181 17.75 0.03 -4.16
C PHE B 181 18.58 1.29 -3.93
N ALA B 182 19.78 1.33 -4.49
CA ALA B 182 20.67 2.48 -4.34
C ALA B 182 20.00 3.82 -4.58
N LYS B 183 19.17 3.90 -5.62
CA LYS B 183 18.46 5.13 -5.96
C LYS B 183 17.42 5.50 -4.89
N ALA B 184 16.91 4.49 -4.20
CA ALA B 184 15.92 4.72 -3.16
C ALA B 184 16.56 5.39 -1.95
N GLU B 185 17.67 4.83 -1.48
CA GLU B 185 18.38 5.38 -0.32
C GLU B 185 18.83 6.81 -0.59
N GLN B 186 19.35 7.06 -1.78
CA GLN B 186 19.82 8.39 -2.16
C GLN B 186 18.69 9.41 -1.98
N LEU B 187 17.49 9.04 -2.43
CA LEU B 187 16.31 9.90 -2.34
C LEU B 187 15.82 10.05 -0.90
N ALA B 188 16.04 9.03 -0.08
CA ALA B 188 15.61 9.05 1.32
C ALA B 188 16.49 10.00 2.13
N GLU B 189 17.78 10.01 1.83
CA GLU B 189 18.73 10.88 2.53
C GLU B 189 18.49 12.34 2.18
N LEU B 190 18.06 12.58 0.94
CA LEU B 190 17.79 13.93 0.45
C LEU B 190 16.75 14.66 1.30
N VAL B 191 15.64 13.99 1.58
CA VAL B 191 14.56 14.58 2.38
C VAL B 191 14.51 14.10 3.82
N ALA B 192 15.58 13.46 4.28
CA ALA B 192 15.66 12.93 5.64
C ALA B 192 15.31 13.96 6.72
N ALA B 193 15.76 15.20 6.54
CA ALA B 193 15.50 16.27 7.52
C ALA B 193 14.12 16.94 7.41
N TYR B 194 13.20 16.38 6.63
CA TYR B 194 11.87 16.96 6.50
C TYR B 194 10.78 16.03 7.04
N GLY B 195 11.20 14.98 7.75
CA GLY B 195 10.26 14.02 8.32
C GLY B 195 10.90 12.66 8.45
N GLU B 196 10.11 11.67 8.85
CA GLU B 196 10.61 10.31 9.01
C GLU B 196 10.51 9.57 7.67
N VAL B 197 11.62 9.52 6.94
CA VAL B 197 11.66 8.84 5.65
C VAL B 197 12.61 7.65 5.72
N LYS B 198 12.16 6.50 5.22
CA LYS B 198 12.96 5.28 5.23
C LYS B 198 13.19 4.76 3.81
N ALA B 199 14.11 3.80 3.67
CA ALA B 199 14.42 3.23 2.36
C ALA B 199 14.72 1.74 2.49
N GLN B 200 14.04 0.93 1.68
CA GLN B 200 14.22 -0.53 1.70
C GLN B 200 13.98 -1.14 0.32
N ALA B 201 14.68 -2.25 0.04
CA ALA B 201 14.55 -2.94 -1.23
C ALA B 201 13.22 -3.68 -1.26
N PHE B 202 12.76 -4.12 -2.44
CA PHE B 202 11.48 -4.81 -2.50
C PHE B 202 11.52 -6.12 -1.73
N GLU B 203 12.67 -6.77 -1.77
CA GLU B 203 12.88 -8.04 -1.09
C GLU B 203 12.78 -7.88 0.43
N GLN B 204 13.03 -6.67 0.92
CA GLN B 204 12.98 -6.37 2.36
C GLN B 204 11.64 -5.87 2.91
N LEU B 205 10.61 -5.76 2.06
CA LEU B 205 9.30 -5.30 2.55
C LEU B 205 8.73 -6.34 3.50
N LYS B 206 8.60 -5.97 4.78
CA LYS B 206 8.09 -6.86 5.82
C LYS B 206 6.71 -6.55 6.41
N GLN B 207 5.94 -5.65 5.80
CA GLN B 207 4.62 -5.31 6.35
C GLN B 207 3.72 -4.57 5.36
N SER B 208 2.47 -4.36 5.76
CA SER B 208 1.51 -3.66 4.91
C SER B 208 1.47 -2.18 5.29
N TYR B 209 1.04 -1.35 4.35
CA TYR B 209 0.95 0.09 4.56
C TYR B 209 -0.45 0.63 4.35
N ASP B 210 -0.72 1.77 4.96
CA ASP B 210 -2.03 2.43 4.84
C ASP B 210 -2.21 2.98 3.43
N VAL B 211 -1.16 3.58 2.91
CA VAL B 211 -1.19 4.17 1.57
C VAL B 211 0.01 3.74 0.73
N ILE B 212 -0.27 3.08 -0.40
CA ILE B 212 0.76 2.60 -1.33
C ILE B 212 0.70 3.45 -2.61
N ILE B 213 1.77 4.18 -2.92
CA ILE B 213 1.79 5.03 -4.12
C ILE B 213 2.80 4.49 -5.13
N ASN B 214 2.31 4.15 -6.33
CA ASN B 214 3.16 3.62 -7.39
C ASN B 214 3.57 4.73 -8.36
N SER B 215 4.85 5.05 -8.39
CA SER B 215 5.36 6.10 -9.27
C SER B 215 6.26 5.56 -10.37
N THR B 216 6.24 4.24 -10.58
CA THR B 216 7.08 3.60 -11.60
C THR B 216 6.45 3.60 -12.99
N SER B 217 7.21 3.11 -13.97
CA SER B 217 6.78 3.02 -15.36
C SER B 217 6.18 1.65 -15.68
N ALA B 218 6.14 0.76 -14.69
CA ALA B 218 5.60 -0.59 -14.86
C ALA B 218 4.22 -0.66 -15.53
N SER B 219 3.21 -0.01 -14.95
CA SER B 219 1.86 -0.05 -15.55
C SER B 219 1.83 0.34 -17.02
N LEU B 220 2.62 1.34 -17.40
CA LEU B 220 2.67 1.78 -18.79
C LEU B 220 3.07 0.60 -19.69
N ASP B 221 4.04 -0.18 -19.21
CA ASP B 221 4.54 -1.34 -19.94
C ASP B 221 3.70 -2.61 -19.74
N GLY B 222 2.72 -2.56 -18.84
CA GLY B 222 1.85 -3.71 -18.58
C GLY B 222 2.51 -4.77 -17.73
N GLU B 223 3.44 -4.36 -16.87
CA GLU B 223 4.15 -5.27 -15.97
C GLU B 223 4.14 -4.72 -14.54
N LEU B 224 4.33 -5.61 -13.59
CA LEU B 224 4.33 -5.24 -12.17
C LEU B 224 5.74 -5.26 -11.55
N PRO B 225 5.97 -4.43 -10.53
CA PRO B 225 7.26 -4.40 -9.87
C PRO B 225 7.40 -5.68 -9.04
N ALA B 226 8.62 -6.23 -8.96
CA ALA B 226 8.86 -7.46 -8.20
C ALA B 226 8.77 -7.22 -6.70
N ILE B 227 7.57 -6.86 -6.23
CA ILE B 227 7.33 -6.58 -4.83
C ILE B 227 6.49 -7.65 -4.15
N ASP B 228 6.72 -7.82 -2.85
CA ASP B 228 6.02 -8.80 -2.05
C ASP B 228 4.60 -8.26 -1.78
N PRO B 229 3.55 -9.01 -2.19
CA PRO B 229 2.17 -8.59 -1.97
C PRO B 229 1.79 -8.34 -0.51
N VAL B 230 2.71 -8.60 0.42
CA VAL B 230 2.43 -8.39 1.83
C VAL B 230 2.17 -6.91 2.12
N ILE B 231 2.56 -6.02 1.21
CA ILE B 231 2.35 -4.58 1.39
C ILE B 231 0.87 -4.21 1.45
N PHE B 232 0.01 -5.05 0.89
CA PHE B 232 -1.43 -4.78 0.88
C PHE B 232 -2.17 -5.45 2.05
N SER B 233 -3.12 -4.71 2.62
CA SER B 233 -3.92 -5.20 3.71
C SER B 233 -5.34 -4.90 3.27
N SER B 234 -6.32 -5.24 4.10
CA SER B 234 -7.72 -4.99 3.77
C SER B 234 -8.05 -3.49 3.91
N ARG B 235 -7.16 -2.76 4.58
CA ARG B 235 -7.33 -1.32 4.81
C ARG B 235 -6.54 -0.45 3.82
N SER B 236 -5.54 -1.03 3.17
CA SER B 236 -4.70 -0.31 2.21
C SER B 236 -5.37 0.49 1.09
N VAL B 237 -4.86 1.71 0.88
CA VAL B 237 -5.35 2.61 -0.15
C VAL B 237 -4.21 2.62 -1.17
N CYS B 238 -4.54 2.26 -2.41
N CYS B 238 -4.53 2.28 -2.41
CA CYS B 238 -3.55 2.21 -3.49
CA CYS B 238 -3.55 2.24 -3.47
C CYS B 238 -3.75 3.36 -4.48
C CYS B 238 -3.74 3.38 -4.47
N TYR B 239 -2.64 3.95 -4.92
CA TYR B 239 -2.69 5.06 -5.87
C TYR B 239 -1.61 4.84 -6.92
N ASP B 240 -2.01 4.77 -8.19
CA ASP B 240 -1.08 4.57 -9.28
C ASP B 240 -1.07 5.86 -10.10
N MET B 241 0.11 6.40 -10.40
CA MET B 241 0.20 7.64 -11.18
C MET B 241 -0.17 7.48 -12.65
N MET B 242 -0.15 6.25 -13.16
CA MET B 242 -0.47 6.00 -14.54
C MET B 242 -1.99 5.86 -14.57
N TYR B 243 -2.64 6.14 -15.70
CA TYR B 243 -4.10 6.03 -15.78
C TYR B 243 -4.57 5.48 -17.11
N GLY B 244 -5.85 5.13 -17.17
CA GLY B 244 -6.46 4.58 -18.39
C GLY B 244 -7.81 3.92 -18.15
N LYS B 245 -8.29 3.23 -19.17
CA LYS B 245 -9.55 2.51 -19.13
C LYS B 245 -9.54 1.50 -18.01
N GLY B 246 -10.57 1.52 -17.17
CA GLY B 246 -10.66 0.59 -16.05
C GLY B 246 -9.52 0.80 -15.10
N TYR B 247 -9.04 -0.28 -14.49
CA TYR B 247 -7.94 -0.23 -13.54
C TYR B 247 -6.60 -0.54 -14.22
N THR B 248 -5.55 0.12 -13.75
CA THR B 248 -4.21 -0.05 -14.27
C THR B 248 -3.70 -1.41 -13.83
N VAL B 249 -2.64 -1.89 -14.49
CA VAL B 249 -2.08 -3.18 -14.15
C VAL B 249 -1.72 -3.26 -12.66
N PHE B 250 -1.18 -2.19 -12.10
CA PHE B 250 -0.81 -2.18 -10.69
C PHE B 250 -2.05 -2.24 -9.82
N ASN B 251 -3.05 -1.39 -10.11
CA ASN B 251 -4.29 -1.38 -9.33
C ASN B 251 -5.10 -2.67 -9.45
N GLN B 252 -5.04 -3.33 -10.61
CA GLN B 252 -5.76 -4.58 -10.78
C GLN B 252 -5.17 -5.59 -9.81
N TRP B 253 -3.85 -5.53 -9.65
CA TRP B 253 -3.12 -6.41 -8.75
C TRP B 253 -3.36 -6.08 -7.29
N ALA B 254 -3.55 -4.79 -6.98
CA ALA B 254 -3.81 -4.37 -5.61
C ALA B 254 -5.20 -4.88 -5.20
N ARG B 255 -6.11 -4.89 -6.17
CA ARG B 255 -7.50 -5.36 -5.96
C ARG B 255 -7.57 -6.86 -5.69
N GLN B 256 -6.66 -7.62 -6.29
CA GLN B 256 -6.63 -9.07 -6.10
C GLN B 256 -6.27 -9.40 -4.65
N HIS B 257 -5.58 -8.48 -3.99
CA HIS B 257 -5.17 -8.65 -2.59
C HIS B 257 -6.07 -7.79 -1.69
N GLY B 258 -7.30 -7.61 -2.14
CA GLY B 258 -8.32 -6.83 -1.44
C GLY B 258 -7.92 -5.51 -0.83
N CYS B 259 -7.52 -4.54 -1.65
CA CYS B 259 -7.15 -3.25 -1.10
C CYS B 259 -8.48 -2.57 -0.87
N ALA B 260 -8.51 -1.57 -0.01
CA ALA B 260 -9.75 -0.87 0.28
C ALA B 260 -10.18 0.08 -0.84
N GLN B 261 -9.22 0.79 -1.45
CA GLN B 261 -9.51 1.74 -2.53
C GLN B 261 -8.34 1.89 -3.53
N ALA B 262 -8.61 1.67 -4.82
CA ALA B 262 -7.59 1.78 -5.89
C ALA B 262 -7.84 3.02 -6.75
N ILE B 263 -6.89 3.96 -6.73
CA ILE B 263 -7.01 5.22 -7.49
C ILE B 263 -5.93 5.41 -8.55
N ASP B 264 -6.29 5.92 -9.73
CA ASP B 264 -5.30 6.13 -10.80
C ASP B 264 -4.82 7.59 -10.80
N GLY B 265 -3.92 7.94 -11.72
CA GLY B 265 -3.39 9.30 -11.79
C GLY B 265 -4.12 10.40 -12.54
N LEU B 266 -5.32 10.15 -13.00
CA LEU B 266 -6.08 11.16 -13.74
C LEU B 266 -6.27 12.41 -12.88
N GLY B 267 -6.62 12.22 -11.61
CA GLY B 267 -6.83 13.33 -10.68
C GLY B 267 -5.54 14.09 -10.41
N MET B 268 -4.41 13.38 -10.50
CA MET B 268 -3.11 13.99 -10.27
C MET B 268 -2.87 14.98 -11.40
N LEU B 269 -3.17 14.57 -12.64
CA LEU B 269 -2.99 15.41 -13.83
C LEU B 269 -3.81 16.71 -13.72
N VAL B 270 -5.08 16.57 -13.37
CA VAL B 270 -5.94 17.75 -13.24
C VAL B 270 -5.51 18.58 -12.03
N GLY B 271 -5.05 17.90 -10.99
CA GLY B 271 -4.61 18.57 -9.78
C GLY B 271 -3.38 19.45 -10.01
N GLN B 272 -2.37 18.91 -10.70
CA GLN B 272 -1.15 19.68 -10.96
C GLN B 272 -1.45 20.85 -11.91
N ALA B 273 -2.43 20.65 -12.79
CA ALA B 273 -2.83 21.68 -13.73
C ALA B 273 -3.48 22.80 -12.90
N ALA B 274 -4.29 22.40 -11.92
CA ALA B 274 -4.98 23.34 -11.06
C ALA B 274 -3.96 24.22 -10.33
N GLU B 275 -2.90 23.60 -9.82
CA GLU B 275 -1.87 24.35 -9.12
C GLU B 275 -1.12 25.27 -10.06
N SER B 276 -0.77 24.77 -11.25
CA SER B 276 -0.05 25.59 -12.21
C SER B 276 -0.91 26.79 -12.60
N PHE B 277 -2.20 26.56 -12.77
CA PHE B 277 -3.13 27.60 -13.12
C PHE B 277 -3.24 28.61 -11.97
N MET B 278 -3.40 28.07 -10.76
CA MET B 278 -3.52 28.88 -9.56
C MET B 278 -2.26 29.74 -9.43
N LEU B 279 -1.12 29.17 -9.83
CA LEU B 279 0.17 29.87 -9.78
C LEU B 279 0.25 31.03 -10.76
N TRP B 280 -0.31 30.86 -11.95
CA TRP B 280 -0.24 31.93 -12.93
C TRP B 280 -1.35 32.98 -12.82
N ARG B 281 -2.56 32.56 -12.46
CA ARG B 281 -3.67 33.49 -12.38
C ARG B 281 -4.10 33.90 -10.98
N GLY B 282 -3.48 33.33 -9.95
CA GLY B 282 -3.81 33.66 -8.56
C GLY B 282 -5.20 33.24 -8.12
N LEU B 283 -5.79 32.29 -8.84
CA LEU B 283 -7.13 31.80 -8.52
C LEU B 283 -7.22 30.31 -8.72
N ARG B 284 -7.83 29.60 -7.77
CA ARG B 284 -7.97 28.16 -7.86
C ARG B 284 -9.30 27.83 -8.52
N PRO B 285 -9.26 27.14 -9.67
CA PRO B 285 -10.47 26.77 -10.38
C PRO B 285 -11.06 25.43 -9.95
N GLY B 286 -12.29 25.16 -10.38
CA GLY B 286 -12.95 23.92 -10.05
C GLY B 286 -12.34 22.82 -10.91
N THR B 287 -12.35 21.59 -10.42
CA THR B 287 -11.79 20.48 -11.16
C THR B 287 -12.73 19.28 -11.31
N LYS B 288 -13.87 19.33 -10.60
CA LYS B 288 -14.83 18.24 -10.65
C LYS B 288 -15.42 18.00 -12.05
N GLN B 289 -15.94 19.04 -12.70
CA GLN B 289 -16.51 18.88 -14.03
C GLN B 289 -15.48 18.41 -15.05
N ILE B 290 -14.29 19.00 -14.99
CA ILE B 290 -13.21 18.64 -15.90
C ILE B 290 -12.77 17.19 -15.70
N LEU B 291 -12.54 16.82 -14.45
CA LEU B 291 -12.11 15.47 -14.13
C LEU B 291 -13.14 14.42 -14.54
N ARG B 292 -14.41 14.74 -14.37
CA ARG B 292 -15.45 13.81 -14.74
C ARG B 292 -15.57 13.75 -16.26
N GLU B 293 -15.29 14.87 -16.92
CA GLU B 293 -15.36 14.95 -18.37
C GLU B 293 -14.24 14.07 -18.97
N LEU B 294 -13.07 14.08 -18.34
CA LEU B 294 -11.93 13.28 -18.81
C LEU B 294 -12.13 11.80 -18.50
N ARG B 295 -12.73 11.52 -17.35
CA ARG B 295 -12.98 10.13 -16.95
C ARG B 295 -13.88 9.45 -17.97
N LYS B 296 -14.89 10.18 -18.46
CA LYS B 296 -15.83 9.64 -19.45
C LYS B 296 -15.12 9.21 -20.71
N ASN B 297 -14.20 10.05 -21.19
CA ASN B 297 -13.44 9.78 -22.40
C ASN B 297 -12.62 8.50 -22.25
N LEU B 298 -11.88 8.37 -21.15
CA LEU B 298 -11.08 7.15 -20.94
C LEU B 298 -11.95 5.89 -21.00
N GLU B 299 -13.14 5.97 -20.41
CA GLU B 299 -14.08 4.84 -20.38
C GLU B 299 -14.82 4.55 -21.69
N GLY B 300 -14.80 5.50 -22.63
CA GLY B 300 -15.48 5.32 -23.92
C GLY B 300 -16.96 5.64 -23.85
N ILE C 29 -19.03 18.33 -23.38
CA ILE C 29 -18.13 19.37 -23.95
C ILE C 29 -17.34 18.82 -25.13
N ASP C 30 -17.79 19.16 -26.33
CA ASP C 30 -17.14 18.71 -27.56
C ASP C 30 -15.83 19.45 -27.79
N GLN C 31 -14.73 18.72 -27.96
CA GLN C 31 -13.45 19.36 -28.18
C GLN C 31 -13.01 19.37 -29.64
N TYR C 32 -12.43 20.49 -30.04
CA TYR C 32 -11.94 20.71 -31.39
C TYR C 32 -10.54 21.28 -31.29
N ALA C 33 -9.80 21.25 -32.40
CA ALA C 33 -8.46 21.78 -32.38
C ALA C 33 -7.89 22.00 -33.78
N VAL C 34 -6.67 22.51 -33.82
CA VAL C 34 -5.98 22.74 -35.09
C VAL C 34 -4.61 22.09 -34.94
N PHE C 35 -4.33 21.13 -35.80
CA PHE C 35 -3.04 20.42 -35.76
C PHE C 35 -2.14 20.95 -36.86
N GLY C 36 -0.88 21.17 -36.50
CA GLY C 36 0.10 21.67 -37.44
C GLY C 36 1.46 21.68 -36.78
N ASN C 37 2.45 22.22 -37.48
CA ASN C 37 3.81 22.30 -36.98
C ASN C 37 4.60 23.27 -37.85
N PRO C 38 4.82 24.50 -37.34
CA PRO C 38 4.39 25.00 -36.05
C PRO C 38 2.91 25.42 -36.06
N ILE C 39 2.41 25.88 -34.92
CA ILE C 39 1.02 26.31 -34.83
C ILE C 39 0.96 27.55 -33.95
N ASN C 40 2.00 28.38 -34.06
CA ASN C 40 2.10 29.61 -33.28
C ASN C 40 1.40 30.80 -33.93
N HIS C 41 1.28 30.76 -35.26
CA HIS C 41 0.66 31.83 -36.01
C HIS C 41 -0.83 31.60 -36.33
N SER C 42 -1.41 30.53 -35.79
CA SER C 42 -2.82 30.24 -36.05
C SER C 42 -3.73 31.12 -35.21
N LYS C 43 -4.82 31.57 -35.83
CA LYS C 43 -5.79 32.42 -35.16
C LYS C 43 -7.14 31.71 -35.10
N SER C 44 -7.15 30.43 -35.44
CA SER C 44 -8.36 29.62 -35.43
C SER C 44 -8.93 29.44 -34.01
N PRO C 45 -8.07 29.27 -33.00
CA PRO C 45 -8.65 29.12 -31.66
C PRO C 45 -9.45 30.36 -31.29
N PHE C 46 -8.86 31.52 -31.59
CA PHE C 46 -9.47 32.80 -31.31
C PHE C 46 -10.79 32.90 -32.08
N ILE C 47 -10.72 32.64 -33.39
CA ILE C 47 -11.92 32.71 -34.24
C ILE C 47 -13.03 31.75 -33.81
N HIS C 48 -12.74 30.46 -33.72
CA HIS C 48 -13.76 29.49 -33.31
C HIS C 48 -14.29 29.68 -31.89
N THR C 49 -13.48 30.24 -31.00
CA THR C 49 -13.93 30.47 -29.63
C THR C 49 -15.06 31.49 -29.70
N LEU C 50 -14.96 32.43 -30.63
CA LEU C 50 -15.99 33.46 -30.79
C LEU C 50 -17.25 32.91 -31.46
N PHE C 51 -17.13 32.06 -32.48
CA PHE C 51 -18.34 31.55 -33.11
C PHE C 51 -19.12 30.75 -32.07
N ALA C 52 -18.39 29.92 -31.32
CA ALA C 52 -19.00 29.09 -30.28
C ALA C 52 -19.70 29.97 -29.24
N ARG C 53 -19.20 31.19 -29.07
CA ARG C 53 -19.77 32.13 -28.11
C ARG C 53 -21.13 32.61 -28.63
N GLN C 54 -21.16 33.04 -29.90
CA GLN C 54 -22.37 33.54 -30.55
C GLN C 54 -23.45 32.47 -30.71
N THR C 55 -23.04 31.30 -31.19
CA THR C 55 -23.97 30.19 -31.40
C THR C 55 -24.27 29.36 -30.16
N GLN C 56 -23.83 29.82 -28.99
CA GLN C 56 -24.07 29.12 -27.72
C GLN C 56 -23.64 27.65 -27.77
N GLN C 57 -22.57 27.35 -28.47
CA GLN C 57 -22.10 25.96 -28.59
C GLN C 57 -21.15 25.56 -27.46
N SER C 58 -21.45 24.43 -26.83
CA SER C 58 -20.65 23.90 -25.73
C SER C 58 -19.41 23.25 -26.33
N MET C 59 -18.41 24.07 -26.66
CA MET C 59 -17.19 23.56 -27.25
C MET C 59 -15.98 24.42 -26.95
N ILE C 60 -14.81 23.81 -27.10
CA ILE C 60 -13.54 24.48 -26.87
C ILE C 60 -12.67 24.14 -28.08
N TYR C 61 -11.75 25.03 -28.41
CA TYR C 61 -10.88 24.80 -29.56
C TYR C 61 -9.47 25.21 -29.16
N THR C 62 -8.50 24.33 -29.38
CA THR C 62 -7.11 24.61 -29.03
C THR C 62 -6.10 24.29 -30.14
N ALA C 63 -4.93 24.90 -30.05
CA ALA C 63 -3.84 24.72 -31.01
C ALA C 63 -2.90 23.63 -30.50
N GLN C 64 -2.82 22.53 -31.24
CA GLN C 64 -1.98 21.39 -30.88
C GLN C 64 -0.84 21.15 -31.88
N CYS C 65 0.41 21.38 -31.48
CA CYS C 65 1.53 21.14 -32.39
C CYS C 65 1.76 19.64 -32.41
N VAL C 66 2.17 19.09 -33.54
CA VAL C 66 2.40 17.67 -33.65
C VAL C 66 3.67 17.37 -34.44
N PRO C 67 4.51 16.44 -33.93
CA PRO C 67 5.74 16.10 -34.63
C PRO C 67 5.44 15.71 -36.07
N VAL C 68 6.23 16.24 -37.01
CA VAL C 68 6.04 15.95 -38.42
C VAL C 68 5.72 14.48 -38.75
N ASP C 69 6.35 13.56 -38.03
CA ASP C 69 6.12 12.13 -38.27
C ASP C 69 5.06 11.45 -37.39
N GLY C 70 4.26 12.22 -36.67
CA GLY C 70 3.24 11.62 -35.80
C GLY C 70 1.82 12.16 -35.93
N PHE C 71 1.49 12.72 -37.09
CA PHE C 71 0.15 13.27 -37.29
C PHE C 71 -0.96 12.23 -37.23
N THR C 72 -0.81 11.16 -38.02
CA THR C 72 -1.81 10.10 -38.06
C THR C 72 -2.13 9.51 -36.69
N GLU C 73 -1.09 9.27 -35.89
CA GLU C 73 -1.29 8.70 -34.56
C GLU C 73 -1.96 9.75 -33.68
N ALA C 74 -1.40 10.97 -33.70
CA ALA C 74 -1.94 12.06 -32.91
C ALA C 74 -3.40 12.31 -33.26
N ALA C 75 -3.75 12.09 -34.53
CA ALA C 75 -5.11 12.28 -35.03
C ALA C 75 -6.06 11.27 -34.41
N LYS C 76 -5.79 9.97 -34.57
CA LYS C 76 -6.66 8.96 -33.98
C LYS C 76 -6.55 8.97 -32.46
N HIS C 77 -5.41 9.42 -31.95
CA HIS C 77 -5.21 9.50 -30.52
C HIS C 77 -6.16 10.60 -30.02
N PHE C 78 -6.44 11.57 -30.89
CA PHE C 78 -7.32 12.70 -30.59
C PHE C 78 -8.80 12.32 -30.67
N PHE C 79 -9.21 11.67 -31.75
CA PHE C 79 -10.60 11.27 -31.91
C PHE C 79 -11.02 10.13 -30.98
N ALA C 80 -10.07 9.31 -30.57
CA ALA C 80 -10.38 8.20 -29.67
C ALA C 80 -10.69 8.73 -28.28
N GLN C 81 -10.21 9.94 -27.99
CA GLN C 81 -10.43 10.58 -26.69
C GLN C 81 -11.66 11.50 -26.69
N GLY C 82 -12.62 11.23 -27.58
CA GLY C 82 -13.84 12.05 -27.66
C GLY C 82 -13.80 13.25 -28.59
N GLY C 83 -12.62 13.65 -29.05
CA GLY C 83 -12.51 14.80 -29.96
C GLY C 83 -13.44 14.62 -31.14
N ARG C 84 -14.17 15.67 -31.53
CA ARG C 84 -15.10 15.57 -32.66
C ARG C 84 -14.68 16.23 -33.97
N GLY C 85 -13.63 17.05 -33.96
CA GLY C 85 -13.20 17.70 -35.19
C GLY C 85 -11.93 18.51 -35.06
N CYS C 86 -11.33 18.86 -36.19
CA CYS C 86 -10.11 19.64 -36.19
C CYS C 86 -9.72 20.18 -37.56
N ASN C 87 -8.92 21.24 -37.53
CA ASN C 87 -8.43 21.87 -38.74
C ASN C 87 -7.00 21.38 -38.90
N VAL C 88 -6.54 21.34 -40.13
CA VAL C 88 -5.19 20.89 -40.40
C VAL C 88 -4.50 21.97 -41.21
N THR C 89 -3.38 22.47 -40.70
CA THR C 89 -2.63 23.50 -41.40
C THR C 89 -1.34 22.86 -41.88
N VAL C 90 -0.49 23.63 -42.54
CA VAL C 90 0.77 23.07 -43.04
C VAL C 90 1.54 22.42 -41.90
N PRO C 91 2.25 21.33 -42.18
CA PRO C 91 2.39 20.65 -43.47
C PRO C 91 1.77 19.26 -43.44
N PHE C 92 0.53 19.16 -42.97
CA PHE C 92 -0.14 17.87 -42.90
C PHE C 92 -1.43 17.82 -43.71
N LYS C 93 -1.71 18.84 -44.51
CA LYS C 93 -2.94 18.84 -45.31
C LYS C 93 -2.99 17.64 -46.24
N GLU C 94 -1.86 17.30 -46.85
CA GLU C 94 -1.81 16.17 -47.77
C GLU C 94 -1.96 14.88 -46.97
N GLU C 95 -1.29 14.81 -45.83
CA GLU C 95 -1.38 13.62 -44.99
C GLU C 95 -2.80 13.46 -44.46
N ALA C 96 -3.48 14.58 -44.21
CA ALA C 96 -4.85 14.54 -43.72
C ALA C 96 -5.71 13.91 -44.80
N TYR C 97 -5.38 14.20 -46.07
CA TYR C 97 -6.10 13.67 -47.23
C TYR C 97 -5.99 12.14 -47.22
N ARG C 98 -4.76 11.65 -47.08
CA ARG C 98 -4.53 10.21 -47.04
C ARG C 98 -5.08 9.62 -45.74
N PHE C 99 -5.09 10.42 -44.68
CA PHE C 99 -5.58 9.99 -43.38
C PHE C 99 -7.08 9.78 -43.29
N ALA C 100 -7.85 10.75 -43.77
CA ALA C 100 -9.31 10.66 -43.73
C ALA C 100 -9.85 9.36 -44.31
N ASP C 101 -10.96 8.90 -43.76
CA ASP C 101 -11.59 7.67 -44.23
C ASP C 101 -12.48 8.02 -45.40
N ARG C 102 -12.99 9.25 -45.40
CA ARG C 102 -13.86 9.75 -46.47
C ARG C 102 -13.52 11.18 -46.86
N LEU C 103 -14.00 11.60 -48.02
CA LEU C 103 -13.75 12.94 -48.52
C LEU C 103 -14.93 13.49 -49.30
N THR C 104 -14.97 14.81 -49.37
CA THR C 104 -16.00 15.53 -50.10
C THR C 104 -15.38 15.72 -51.48
N GLU C 105 -16.19 16.01 -52.48
CA GLU C 105 -15.68 16.20 -53.84
C GLU C 105 -14.56 17.23 -53.86
N ARG C 106 -14.80 18.37 -53.23
CA ARG C 106 -13.82 19.45 -53.19
C ARG C 106 -12.49 19.06 -52.53
N ALA C 107 -12.54 18.18 -51.53
CA ALA C 107 -11.32 17.75 -50.86
C ALA C 107 -10.58 16.78 -51.76
N ARG C 108 -11.34 15.89 -52.39
CA ARG C 108 -10.77 14.90 -53.30
C ARG C 108 -10.06 15.61 -54.45
N LEU C 109 -10.72 16.61 -55.03
CA LEU C 109 -10.13 17.36 -56.15
C LEU C 109 -8.99 18.26 -55.69
N ALA C 110 -9.09 18.83 -54.50
CA ALA C 110 -8.04 19.71 -53.97
C ALA C 110 -6.77 18.96 -53.63
N GLY C 111 -6.90 17.69 -53.28
CA GLY C 111 -5.73 16.88 -52.93
C GLY C 111 -5.16 17.35 -51.61
N ALA C 112 -6.03 17.94 -50.78
CA ALA C 112 -5.63 18.45 -49.49
C ALA C 112 -6.85 18.59 -48.59
N VAL C 113 -6.65 18.30 -47.31
CA VAL C 113 -7.71 18.38 -46.32
C VAL C 113 -7.30 19.34 -45.22
N ASN C 114 -8.18 20.28 -44.89
CA ASN C 114 -7.90 21.23 -43.83
C ASN C 114 -8.91 21.06 -42.72
N THR C 115 -9.93 20.23 -42.94
CA THR C 115 -10.95 19.98 -41.93
C THR C 115 -11.33 18.50 -41.82
N LEU C 116 -11.36 18.01 -40.59
CA LEU C 116 -11.71 16.61 -40.29
C LEU C 116 -12.90 16.59 -39.35
N LYS C 117 -13.68 15.52 -39.39
CA LYS C 117 -14.85 15.36 -38.54
C LYS C 117 -15.35 13.93 -38.45
N LYS C 118 -15.74 13.49 -37.26
CA LYS C 118 -16.25 12.13 -37.10
C LYS C 118 -17.72 12.20 -37.45
N ASP C 120 -21.59 11.11 -36.96
CA ASP C 120 -22.34 10.00 -36.38
C ASP C 120 -21.77 8.65 -36.84
N ASP C 121 -20.50 8.42 -36.55
CA ASP C 121 -19.78 7.20 -36.91
C ASP C 121 -18.31 7.40 -36.56
N GLY C 122 -17.59 6.30 -36.33
CA GLY C 122 -16.17 6.37 -35.99
C GLY C 122 -15.21 6.75 -37.10
N GLU C 123 -15.67 6.72 -38.35
CA GLU C 123 -14.79 7.08 -39.48
C GLU C 123 -14.71 8.60 -39.66
N ILE C 124 -13.50 9.08 -39.93
CA ILE C 124 -13.23 10.49 -40.10
C ILE C 124 -13.42 11.06 -41.51
N LEU C 125 -14.29 12.07 -41.62
CA LEU C 125 -14.58 12.73 -42.88
C LEU C 125 -13.62 13.88 -43.09
N GLY C 126 -12.93 13.89 -44.23
CA GLY C 126 -11.99 14.94 -44.57
C GLY C 126 -12.64 15.92 -45.52
N ASP C 127 -12.31 17.21 -45.38
CA ASP C 127 -12.87 18.25 -46.23
C ASP C 127 -11.87 19.38 -46.41
N ASN C 128 -12.11 20.22 -47.42
CA ASN C 128 -11.25 21.37 -47.70
C ASN C 128 -12.17 22.57 -47.87
N THR C 129 -12.08 23.51 -46.94
CA THR C 129 -12.89 24.72 -46.94
C THR C 129 -12.17 25.99 -47.40
N ASP C 130 -10.91 25.88 -47.82
CA ASP C 130 -10.17 27.06 -48.25
C ASP C 130 -10.75 27.69 -49.50
N GLY C 131 -11.13 26.87 -50.48
CA GLY C 131 -11.69 27.39 -51.70
C GLY C 131 -13.04 28.04 -51.48
N GLU C 132 -13.89 27.40 -50.69
CA GLU C 132 -15.21 27.96 -50.41
C GLU C 132 -15.08 29.22 -49.58
N GLY C 133 -13.99 29.33 -48.80
CA GLY C 133 -13.74 30.49 -47.97
C GLY C 133 -13.35 31.68 -48.85
N LEU C 134 -12.56 31.40 -49.87
CA LEU C 134 -12.10 32.42 -50.80
C LEU C 134 -13.30 32.96 -51.58
N VAL C 135 -14.09 32.05 -52.14
CA VAL C 135 -15.27 32.44 -52.91
C VAL C 135 -16.25 33.28 -52.12
N GLN C 136 -16.58 32.83 -50.90
CA GLN C 136 -17.52 33.56 -50.05
C GLN C 136 -16.99 34.94 -49.65
N ASP C 137 -15.68 35.08 -49.53
CA ASP C 137 -15.11 36.36 -49.15
C ASP C 137 -15.24 37.30 -50.35
N LEU C 138 -15.00 36.78 -51.56
CA LEU C 138 -15.11 37.59 -52.78
C LEU C 138 -16.55 38.05 -53.01
N LEU C 139 -17.51 37.13 -52.89
CA LEU C 139 -18.91 37.46 -53.09
C LEU C 139 -19.39 38.49 -52.07
N ALA C 140 -18.93 38.35 -50.82
CA ALA C 140 -19.31 39.28 -49.76
C ALA C 140 -18.81 40.68 -50.12
N GLN C 141 -17.69 40.74 -50.83
CA GLN C 141 -17.09 42.01 -51.26
C GLN C 141 -17.69 42.49 -52.58
N GLN C 142 -18.82 41.90 -52.98
CA GLN C 142 -19.48 42.26 -54.23
C GLN C 142 -18.55 42.19 -55.45
N VAL C 143 -17.85 41.08 -55.57
CA VAL C 143 -16.93 40.87 -56.68
C VAL C 143 -17.57 39.76 -57.50
N LEU C 144 -17.98 40.08 -58.72
CA LEU C 144 -18.60 39.10 -59.58
C LEU C 144 -17.55 38.14 -60.12
N LEU C 145 -17.80 36.84 -59.94
CA LEU C 145 -16.89 35.81 -60.42
C LEU C 145 -17.44 35.19 -61.69
N LYS C 146 -18.76 35.07 -61.77
CA LYS C 146 -19.41 34.49 -62.96
C LYS C 146 -19.08 35.35 -64.17
N GLY C 147 -18.72 34.70 -65.27
CA GLY C 147 -18.38 35.39 -66.52
C GLY C 147 -17.16 36.29 -66.43
N ALA C 148 -16.40 36.17 -65.34
CA ALA C 148 -15.21 36.99 -65.14
C ALA C 148 -13.92 36.28 -65.57
N THR C 149 -12.94 37.08 -65.97
CA THR C 149 -11.65 36.55 -66.39
C THR C 149 -10.82 36.60 -65.12
N ILE C 150 -10.30 35.45 -64.69
CA ILE C 150 -9.50 35.39 -63.46
C ILE C 150 -8.03 35.01 -63.67
N LEU C 151 -7.17 35.60 -62.86
CA LEU C 151 -5.74 35.36 -62.91
C LEU C 151 -5.31 34.78 -61.56
N LEU C 152 -4.91 33.51 -61.57
CA LEU C 152 -4.47 32.82 -60.36
C LEU C 152 -2.94 32.75 -60.34
N ILE C 153 -2.33 33.56 -59.47
CA ILE C 153 -0.88 33.57 -59.34
C ILE C 153 -0.43 32.46 -58.40
N GLY C 154 0.21 31.45 -58.98
CA GLY C 154 0.70 30.30 -58.23
C GLY C 154 0.02 29.03 -58.70
N ALA C 155 0.60 27.88 -58.31
CA ALA C 155 0.06 26.59 -58.69
C ALA C 155 0.43 25.51 -57.67
N GLY C 156 0.58 25.92 -56.42
CA GLY C 156 0.94 24.99 -55.34
C GLY C 156 -0.28 24.42 -54.66
N GLY C 157 -0.19 24.27 -53.34
CA GLY C 157 -1.30 23.72 -52.56
C GLY C 157 -2.46 24.70 -52.48
N ALA C 158 -2.15 25.92 -52.05
CA ALA C 158 -3.16 26.97 -51.91
C ALA C 158 -3.93 27.20 -53.21
N ALA C 159 -3.21 27.26 -54.33
CA ALA C 159 -3.82 27.48 -55.63
C ALA C 159 -4.76 26.35 -56.01
N ARG C 160 -4.27 25.11 -55.92
CA ARG C 160 -5.07 23.95 -56.26
C ARG C 160 -6.33 23.81 -55.41
N GLY C 161 -6.27 24.24 -54.16
CA GLY C 161 -7.42 24.16 -53.26
C GLY C 161 -8.56 25.12 -53.59
N VAL C 162 -8.26 26.21 -54.30
CA VAL C 162 -9.28 27.19 -54.66
C VAL C 162 -9.88 27.02 -56.06
N LEU C 163 -9.20 26.29 -56.94
CA LEU C 163 -9.72 26.09 -58.31
C LEU C 163 -11.14 25.57 -58.42
N LYS C 164 -11.40 24.37 -57.94
CA LYS C 164 -12.74 23.79 -58.03
C LYS C 164 -13.81 24.82 -57.61
N PRO C 165 -13.74 25.32 -56.37
CA PRO C 165 -14.74 26.30 -55.95
C PRO C 165 -14.85 27.50 -56.90
N LEU C 166 -13.74 27.97 -57.46
CA LEU C 166 -13.78 29.11 -58.38
C LEU C 166 -14.51 28.73 -59.66
N LEU C 167 -14.22 27.54 -60.18
CA LEU C 167 -14.86 27.06 -61.41
C LEU C 167 -16.38 26.92 -61.30
N ASP C 168 -16.88 26.59 -60.11
CA ASP C 168 -18.32 26.45 -59.91
C ASP C 168 -19.07 27.79 -60.02
N GLN C 169 -18.32 28.89 -60.04
CA GLN C 169 -18.92 30.22 -60.14
C GLN C 169 -19.18 30.55 -61.62
N GLN C 170 -18.71 29.67 -62.50
CA GLN C 170 -18.86 29.81 -63.95
C GLN C 170 -18.18 31.07 -64.50
N PRO C 171 -16.87 31.22 -64.20
CA PRO C 171 -16.14 32.39 -64.70
C PRO C 171 -15.88 32.29 -66.20
N ALA C 172 -15.44 33.40 -66.80
CA ALA C 172 -15.15 33.40 -68.22
C ALA C 172 -13.94 32.51 -68.45
N SER C 173 -12.87 32.80 -67.72
CA SER C 173 -11.65 32.03 -67.83
C SER C 173 -10.84 32.16 -66.55
N ILE C 174 -9.90 31.24 -66.39
CA ILE C 174 -9.02 31.21 -65.24
C ILE C 174 -7.62 30.88 -65.74
N THR C 175 -6.69 31.81 -65.54
CA THR C 175 -5.33 31.61 -65.98
C THR C 175 -4.44 31.25 -64.81
N VAL C 176 -3.75 30.12 -64.93
CA VAL C 176 -2.86 29.63 -63.90
C VAL C 176 -1.41 29.95 -64.26
N THR C 177 -0.87 31.01 -63.68
CA THR C 177 0.50 31.43 -63.95
C THR C 177 1.36 31.07 -62.75
N ASN C 178 2.58 30.61 -62.99
CA ASN C 178 3.47 30.23 -61.89
C ASN C 178 4.94 30.11 -62.37
N ARG C 179 5.86 30.15 -61.41
CA ARG C 179 7.31 30.04 -61.67
C ARG C 179 7.63 28.90 -62.63
N THR C 180 6.93 27.79 -62.47
CA THR C 180 7.11 26.61 -63.30
C THR C 180 5.91 26.50 -64.24
N PHE C 181 6.16 26.63 -65.54
CA PHE C 181 5.10 26.53 -66.54
C PHE C 181 4.43 25.16 -66.57
N ALA C 182 5.24 24.10 -66.50
CA ALA C 182 4.72 22.74 -66.53
C ALA C 182 3.81 22.49 -65.33
N LYS C 183 4.24 22.95 -64.16
CA LYS C 183 3.47 22.78 -62.92
C LYS C 183 2.17 23.57 -62.98
N ALA C 184 2.21 24.71 -63.65
CA ALA C 184 1.04 25.57 -63.79
C ALA C 184 0.04 24.92 -64.75
N GLU C 185 0.53 24.43 -65.89
CA GLU C 185 -0.34 23.79 -66.88
C GLU C 185 -0.76 22.41 -66.40
N GLN C 186 0.04 21.79 -65.54
CA GLN C 186 -0.28 20.47 -65.01
C GLN C 186 -1.54 20.60 -64.18
N LEU C 187 -1.60 21.68 -63.41
CA LEU C 187 -2.75 21.96 -62.56
C LEU C 187 -3.96 22.31 -63.41
N ALA C 188 -3.71 22.88 -64.59
CA ALA C 188 -4.78 23.27 -65.52
C ALA C 188 -5.44 22.01 -66.10
N GLU C 189 -4.62 21.04 -66.48
CA GLU C 189 -5.11 19.78 -67.06
C GLU C 189 -6.04 19.07 -66.07
N LEU C 190 -5.67 19.14 -64.79
CA LEU C 190 -6.43 18.53 -63.71
C LEU C 190 -7.88 19.00 -63.64
N VAL C 191 -8.12 20.26 -63.99
CA VAL C 191 -9.47 20.82 -63.96
C VAL C 191 -9.93 21.36 -65.31
N ALA C 192 -9.52 20.69 -66.38
CA ALA C 192 -9.90 21.11 -67.73
C ALA C 192 -11.33 20.70 -68.11
N ALA C 193 -11.90 19.76 -67.36
CA ALA C 193 -13.26 19.28 -67.63
C ALA C 193 -14.34 20.10 -66.92
N TYR C 194 -13.95 20.95 -65.99
CA TYR C 194 -14.90 21.77 -65.24
C TYR C 194 -15.13 23.17 -65.83
N GLY C 195 -14.10 23.75 -66.45
CA GLY C 195 -14.22 25.07 -67.04
C GLY C 195 -13.04 25.45 -67.91
N GLU C 196 -13.12 26.64 -68.50
CA GLU C 196 -12.06 27.15 -69.37
C GLU C 196 -10.86 27.59 -68.55
N VAL C 197 -9.87 26.71 -68.43
CA VAL C 197 -8.67 27.01 -67.67
C VAL C 197 -7.44 27.07 -68.58
N LYS C 198 -6.65 28.13 -68.42
CA LYS C 198 -5.45 28.35 -69.22
C LYS C 198 -4.23 28.37 -68.30
N ALA C 199 -3.04 28.45 -68.90
CA ALA C 199 -1.80 28.49 -68.14
C ALA C 199 -0.68 29.14 -68.94
N GLN C 200 0.00 30.12 -68.33
CA GLN C 200 1.09 30.83 -68.99
C GLN C 200 2.13 31.29 -67.97
N ALA C 201 3.37 31.46 -68.41
CA ALA C 201 4.45 31.90 -67.53
C ALA C 201 4.26 33.38 -67.24
N PHE C 202 4.87 33.88 -66.16
CA PHE C 202 4.74 35.29 -65.82
C PHE C 202 5.20 36.19 -66.96
N GLU C 203 6.27 35.76 -67.61
CA GLU C 203 6.86 36.50 -68.73
C GLU C 203 5.95 36.61 -69.95
N GLN C 204 5.00 35.68 -70.07
CA GLN C 204 4.07 35.68 -71.20
C GLN C 204 2.82 36.55 -70.93
N LEU C 205 2.58 36.90 -69.66
CA LEU C 205 1.43 37.73 -69.30
C LEU C 205 1.55 39.14 -69.87
N LYS C 206 0.62 39.51 -70.74
CA LYS C 206 0.63 40.84 -71.37
C LYS C 206 -0.70 41.61 -71.31
N GLN C 207 -1.79 40.96 -70.89
CA GLN C 207 -3.09 41.61 -70.82
C GLN C 207 -3.60 41.76 -69.39
N SER C 208 -4.72 42.45 -69.24
CA SER C 208 -5.33 42.68 -67.92
C SER C 208 -6.36 41.59 -67.61
N TYR C 209 -6.79 41.55 -66.36
CA TYR C 209 -7.77 40.57 -65.91
C TYR C 209 -8.74 41.23 -64.93
N ASP C 210 -9.94 40.65 -64.80
CA ASP C 210 -10.97 41.17 -63.90
C ASP C 210 -10.59 40.98 -62.43
N VAL C 211 -10.13 39.77 -62.12
CA VAL C 211 -9.74 39.43 -60.75
C VAL C 211 -8.35 38.79 -60.70
N ILE C 212 -7.51 39.27 -59.79
CA ILE C 212 -6.16 38.75 -59.61
C ILE C 212 -6.04 38.16 -58.20
N ILE C 213 -5.78 36.85 -58.13
CA ILE C 213 -5.64 36.15 -56.87
C ILE C 213 -4.20 35.74 -56.64
N ASN C 214 -3.60 36.21 -55.54
CA ASN C 214 -2.23 35.88 -55.20
C ASN C 214 -2.19 34.76 -54.17
N SER C 215 -1.76 33.58 -54.60
CA SER C 215 -1.67 32.41 -53.72
C SER C 215 -0.23 32.05 -53.36
N THR C 216 0.73 32.76 -53.95
CA THR C 216 2.14 32.51 -53.68
C THR C 216 2.58 32.97 -52.31
N SER C 217 3.74 32.50 -51.88
CA SER C 217 4.30 32.85 -50.59
C SER C 217 5.03 34.19 -50.67
N ALA C 226 8.22 38.99 -60.86
CA ALA C 226 8.43 39.80 -62.04
C ALA C 226 7.31 39.59 -63.05
N ILE C 227 6.32 40.48 -63.01
CA ILE C 227 5.17 40.42 -63.91
C ILE C 227 4.91 41.80 -64.52
N ASP C 228 4.47 41.81 -65.77
CA ASP C 228 4.18 43.07 -66.45
C ASP C 228 3.01 43.76 -65.74
N PRO C 229 3.23 44.98 -65.21
CA PRO C 229 2.16 45.70 -64.50
C PRO C 229 0.89 45.99 -65.31
N VAL C 230 0.87 45.59 -66.58
CA VAL C 230 -0.30 45.82 -67.43
C VAL C 230 -1.50 45.03 -66.91
N ILE C 231 -1.24 43.93 -66.22
CA ILE C 231 -2.29 43.09 -65.66
C ILE C 231 -3.15 43.86 -64.65
N PHE C 232 -2.51 44.77 -63.91
CA PHE C 232 -3.22 45.58 -62.92
C PHE C 232 -3.95 46.75 -63.57
N SER C 233 -5.21 46.53 -63.94
CA SER C 233 -6.02 47.57 -64.56
C SER C 233 -6.76 48.35 -63.48
N SER C 234 -7.37 49.46 -63.87
CA SER C 234 -8.12 50.29 -62.91
C SER C 234 -9.38 49.59 -62.39
N ARG C 235 -9.92 48.65 -63.17
CA ARG C 235 -11.12 47.93 -62.76
C ARG C 235 -10.77 46.66 -61.98
N SER C 236 -9.58 46.13 -62.27
CA SER C 236 -9.09 44.91 -61.63
C SER C 236 -9.17 44.87 -60.11
N VAL C 237 -9.60 43.72 -59.60
CA VAL C 237 -9.73 43.50 -58.17
C VAL C 237 -8.57 42.58 -57.82
N CYS C 238 -7.72 43.03 -56.90
N CYS C 238 -7.72 43.03 -56.90
CA CYS C 238 -6.55 42.25 -56.47
CA CYS C 238 -6.56 42.24 -56.47
C CYS C 238 -6.84 41.59 -55.12
C CYS C 238 -6.85 41.59 -55.12
N TYR C 239 -6.69 40.27 -55.05
CA TYR C 239 -6.94 39.55 -53.81
C TYR C 239 -5.67 38.79 -53.41
N ASP C 240 -5.16 39.06 -52.23
CA ASP C 240 -3.95 38.40 -51.72
C ASP C 240 -4.33 37.50 -50.55
N MET C 241 -3.97 36.22 -50.63
CA MET C 241 -4.28 35.27 -49.57
C MET C 241 -3.52 35.51 -48.27
N MET C 242 -2.49 36.35 -48.32
CA MET C 242 -1.70 36.67 -47.14
C MET C 242 -2.25 37.96 -46.54
N TYR C 243 -2.02 38.16 -45.25
CA TYR C 243 -2.50 39.35 -44.55
C TYR C 243 -1.51 39.83 -43.50
N GLY C 244 -1.44 41.14 -43.31
CA GLY C 244 -0.53 41.74 -42.34
C GLY C 244 -1.10 42.99 -41.71
N ILE C 263 -7.67 43.93 -51.16
CA ILE C 263 -8.32 42.92 -50.31
C ILE C 263 -7.32 41.85 -49.91
N ASP C 264 -6.98 41.79 -48.62
CA ASP C 264 -6.04 40.79 -48.15
C ASP C 264 -6.79 39.48 -47.91
N GLY C 265 -6.09 38.45 -47.41
CA GLY C 265 -6.71 37.16 -47.16
C GLY C 265 -7.30 36.95 -45.78
N LEU C 266 -7.51 38.03 -45.04
CA LEU C 266 -8.08 37.90 -43.70
C LEU C 266 -9.51 37.39 -43.80
N GLY C 267 -10.25 37.86 -44.80
CA GLY C 267 -11.64 37.45 -45.00
C GLY C 267 -11.73 35.98 -45.38
N MET C 268 -10.69 35.47 -46.02
CA MET C 268 -10.62 34.07 -46.44
C MET C 268 -10.44 33.18 -45.22
N LEU C 269 -9.61 33.65 -44.29
CA LEU C 269 -9.32 32.93 -43.05
C LEU C 269 -10.59 32.72 -42.24
N VAL C 270 -11.36 33.79 -42.06
CA VAL C 270 -12.60 33.71 -41.30
C VAL C 270 -13.63 32.87 -42.05
N GLY C 271 -13.63 33.00 -43.37
CA GLY C 271 -14.55 32.27 -44.23
C GLY C 271 -14.35 30.77 -44.20
N GLN C 272 -13.11 30.30 -44.33
CA GLN C 272 -12.86 28.86 -44.30
C GLN C 272 -13.25 28.35 -42.92
N ALA C 273 -12.94 29.14 -41.89
CA ALA C 273 -13.28 28.77 -40.52
C ALA C 273 -14.79 28.63 -40.39
N ALA C 274 -15.52 29.56 -41.02
CA ALA C 274 -16.98 29.55 -40.98
C ALA C 274 -17.56 28.27 -41.56
N GLU C 275 -17.02 27.84 -42.71
CA GLU C 275 -17.49 26.60 -43.36
C GLU C 275 -17.20 25.39 -42.49
N SER C 276 -16.02 25.39 -41.87
CA SER C 276 -15.63 24.29 -41.01
C SER C 276 -16.58 24.22 -39.82
N PHE C 277 -16.91 25.37 -39.25
CA PHE C 277 -17.81 25.43 -38.11
C PHE C 277 -19.16 24.87 -38.56
N MET C 278 -19.62 25.31 -39.72
CA MET C 278 -20.89 24.85 -40.30
C MET C 278 -20.88 23.34 -40.46
N LEU C 279 -19.71 22.80 -40.80
CA LEU C 279 -19.56 21.36 -40.96
C LEU C 279 -19.58 20.60 -39.64
N TRP C 280 -19.03 21.19 -38.58
CA TRP C 280 -19.03 20.47 -37.30
C TRP C 280 -20.29 20.67 -36.45
N ARG C 281 -20.81 21.89 -36.42
CA ARG C 281 -21.99 22.20 -35.62
C ARG C 281 -23.30 22.30 -36.39
N GLY C 282 -23.25 22.20 -37.72
CA GLY C 282 -24.44 22.28 -38.55
C GLY C 282 -25.13 23.63 -38.53
N LEU C 283 -24.39 24.67 -38.15
CA LEU C 283 -24.93 26.02 -38.08
C LEU C 283 -23.90 27.02 -38.58
N ARG C 284 -24.35 28.05 -39.29
CA ARG C 284 -23.46 29.07 -39.80
C ARG C 284 -23.53 30.31 -38.91
N PRO C 285 -22.38 30.70 -38.32
CA PRO C 285 -22.33 31.86 -37.46
C PRO C 285 -21.99 33.14 -38.21
N GLY C 286 -22.23 34.27 -37.57
CA GLY C 286 -21.93 35.56 -38.18
C GLY C 286 -20.43 35.74 -38.17
N THR C 287 -19.89 36.28 -39.26
CA THR C 287 -18.46 36.51 -39.37
C THR C 287 -18.07 37.98 -39.43
N LYS C 288 -19.05 38.82 -39.77
CA LYS C 288 -18.85 40.27 -39.87
C LYS C 288 -18.09 40.88 -38.70
N GLN C 289 -18.63 40.75 -37.50
CA GLN C 289 -17.98 41.32 -36.32
C GLN C 289 -16.67 40.63 -35.93
N ILE C 290 -16.63 39.30 -36.02
CA ILE C 290 -15.41 38.57 -35.69
C ILE C 290 -14.27 39.00 -36.60
N LEU C 291 -14.61 39.28 -37.86
CA LEU C 291 -13.61 39.72 -38.83
C LEU C 291 -13.07 41.09 -38.43
N ARG C 292 -13.95 41.98 -37.99
CA ARG C 292 -13.54 43.33 -37.59
C ARG C 292 -12.66 43.34 -36.33
N GLU C 293 -12.81 42.35 -35.46
CA GLU C 293 -12.01 42.28 -34.24
C GLU C 293 -10.55 41.96 -34.60
N LEU C 294 -10.37 41.07 -35.56
CA LEU C 294 -9.04 40.68 -36.02
C LEU C 294 -8.41 41.83 -36.78
N ARG C 295 -9.26 42.64 -37.41
CA ARG C 295 -8.81 43.79 -38.20
C ARG C 295 -8.20 44.87 -37.29
N LYS C 296 -8.75 45.01 -36.09
CA LYS C 296 -8.27 46.01 -35.13
C LYS C 296 -6.93 45.61 -34.52
N ASN C 297 -6.68 44.30 -34.44
CA ASN C 297 -5.43 43.80 -33.88
C ASN C 297 -4.25 44.17 -34.78
N LEU C 298 -4.43 44.02 -36.09
CA LEU C 298 -3.38 44.33 -37.05
C LEU C 298 -3.14 45.85 -37.08
N GLU C 299 -4.23 46.60 -36.99
CA GLU C 299 -4.17 48.06 -37.00
C GLU C 299 -4.10 48.61 -35.58
N ILE D 29 16.62 -15.89 18.03
CA ILE D 29 15.73 -15.32 19.08
C ILE D 29 15.43 -16.38 20.14
N ASP D 30 16.02 -16.18 21.32
CA ASP D 30 15.84 -17.08 22.46
C ASP D 30 14.40 -17.11 22.97
N GLN D 31 13.92 -18.31 23.28
CA GLN D 31 12.55 -18.49 23.76
C GLN D 31 12.45 -18.72 25.26
N TYR D 32 11.52 -18.01 25.88
CA TYR D 32 11.25 -18.10 27.30
C TYR D 32 9.75 -18.12 27.50
N ALA D 33 9.28 -18.65 28.62
CA ALA D 33 7.85 -18.69 28.89
C ALA D 33 7.55 -18.98 30.35
N VAL D 34 6.26 -19.00 30.67
CA VAL D 34 5.80 -19.28 32.02
C VAL D 34 4.77 -20.37 31.93
N PHE D 35 5.06 -21.50 32.59
CA PHE D 35 4.15 -22.65 32.61
C PHE D 35 3.39 -22.69 33.93
N GLY D 36 2.09 -22.94 33.82
CA GLY D 36 1.22 -23.01 34.98
C GLY D 36 -0.18 -23.41 34.58
N ASN D 37 -1.10 -23.37 35.53
CA ASN D 37 -2.48 -23.72 35.28
C ASN D 37 -3.36 -23.29 36.43
N PRO D 38 -4.13 -22.21 36.26
CA PRO D 38 -4.22 -21.39 35.05
C PRO D 38 -3.11 -20.33 34.95
N ILE D 39 -3.15 -19.53 33.91
CA ILE D 39 -2.16 -18.46 33.68
C ILE D 39 -2.85 -17.11 33.48
N ASN D 40 -4.18 -17.12 33.49
CA ASN D 40 -4.99 -15.92 33.30
C ASN D 40 -4.49 -14.68 34.04
N HIS D 41 -4.11 -14.85 35.30
CA HIS D 41 -3.61 -13.72 36.09
C HIS D 41 -2.09 -13.70 36.25
N SER D 42 -1.37 -13.89 35.15
CA SER D 42 0.08 -13.88 35.21
C SER D 42 0.58 -12.58 34.60
N LYS D 43 1.42 -11.87 35.35
CA LYS D 43 1.98 -10.61 34.93
C LYS D 43 3.36 -10.81 34.28
N SER D 44 3.91 -12.02 34.41
CA SER D 44 5.22 -12.34 33.85
C SER D 44 5.41 -11.95 32.38
N PRO D 45 4.44 -12.28 31.51
CA PRO D 45 4.65 -11.90 30.11
C PRO D 45 4.81 -10.39 29.99
N PHE D 46 3.87 -9.65 30.56
CA PHE D 46 3.90 -8.19 30.54
C PHE D 46 5.21 -7.69 31.15
N ILE D 47 5.60 -8.27 32.28
CA ILE D 47 6.81 -7.90 32.98
C ILE D 47 8.07 -8.14 32.15
N HIS D 48 8.34 -9.40 31.79
CA HIS D 48 9.53 -9.74 31.01
C HIS D 48 9.57 -9.11 29.61
N THR D 49 8.42 -8.72 29.07
CA THR D 49 8.40 -8.11 27.74
C THR D 49 8.98 -6.71 27.87
N LEU D 50 8.65 -6.04 28.96
CA LEU D 50 9.15 -4.70 29.21
C LEU D 50 10.63 -4.73 29.57
N PHE D 51 11.08 -5.74 30.30
CA PHE D 51 12.50 -5.77 30.65
C PHE D 51 13.32 -5.95 29.38
N ALA D 52 12.84 -6.83 28.50
CA ALA D 52 13.53 -7.10 27.25
C ALA D 52 13.64 -5.83 26.40
N ARG D 53 12.59 -5.02 26.40
CA ARG D 53 12.59 -3.79 25.62
C ARG D 53 13.48 -2.73 26.27
N GLN D 54 13.58 -2.73 27.60
CA GLN D 54 14.42 -1.77 28.30
C GLN D 54 15.91 -2.12 28.15
N THR D 55 16.20 -3.42 28.14
CA THR D 55 17.58 -3.90 28.00
C THR D 55 17.85 -4.51 26.62
N GLN D 56 16.96 -4.22 25.66
CA GLN D 56 17.07 -4.72 24.28
C GLN D 56 17.73 -6.08 24.15
N GLN D 57 16.99 -7.13 24.48
CA GLN D 57 17.48 -8.50 24.40
C GLN D 57 16.70 -9.27 23.33
N SER D 58 17.40 -10.08 22.55
CA SER D 58 16.77 -10.87 21.48
C SER D 58 16.07 -12.05 22.14
N MET D 59 14.89 -11.79 22.71
CA MET D 59 14.12 -12.83 23.39
C MET D 59 12.62 -12.62 23.31
N ILE D 60 11.90 -13.72 23.51
CA ILE D 60 10.45 -13.72 23.47
C ILE D 60 9.99 -14.46 24.73
N TYR D 61 8.90 -14.00 25.35
CA TYR D 61 8.39 -14.64 26.56
C TYR D 61 6.87 -14.80 26.44
N THR D 62 6.37 -16.03 26.60
CA THR D 62 4.92 -16.28 26.50
C THR D 62 4.34 -17.17 27.61
N ALA D 63 3.05 -16.99 27.87
CA ALA D 63 2.33 -17.75 28.89
C ALA D 63 1.72 -19.01 28.27
N GLN D 64 2.12 -20.17 28.79
CA GLN D 64 1.66 -21.46 28.32
C GLN D 64 0.86 -22.20 29.39
N CYS D 65 -0.45 -22.34 29.22
CA CYS D 65 -1.23 -23.07 30.21
C CYS D 65 -0.98 -24.55 29.94
N VAL D 66 -0.85 -25.35 30.99
CA VAL D 66 -0.59 -26.77 30.81
C VAL D 66 -1.54 -27.65 31.64
N PRO D 67 -1.88 -28.84 31.12
CA PRO D 67 -2.78 -29.72 31.88
C PRO D 67 -2.17 -30.14 33.22
N VAL D 68 -3.00 -30.15 34.26
CA VAL D 68 -2.61 -30.52 35.63
C VAL D 68 -1.50 -31.57 35.80
N ASP D 69 -1.42 -32.53 34.89
CA ASP D 69 -0.39 -33.57 34.97
C ASP D 69 0.47 -33.69 33.72
N GLY D 70 0.69 -32.58 33.01
CA GLY D 70 1.49 -32.61 31.80
C GLY D 70 2.72 -31.71 31.81
N PHE D 71 3.06 -31.15 32.96
CA PHE D 71 4.23 -30.28 33.05
C PHE D 71 5.54 -30.91 32.62
N THR D 72 5.84 -32.08 33.15
CA THR D 72 7.08 -32.76 32.80
C THR D 72 7.22 -32.85 31.28
N GLU D 73 6.24 -33.47 30.62
CA GLU D 73 6.26 -33.62 29.17
C GLU D 73 6.24 -32.27 28.44
N ALA D 74 5.45 -31.33 28.93
CA ALA D 74 5.35 -30.02 28.31
C ALA D 74 6.71 -29.32 28.42
N ALA D 75 7.39 -29.53 29.54
CA ALA D 75 8.69 -28.94 29.77
C ALA D 75 9.75 -29.53 28.85
N LYS D 76 9.76 -30.86 28.73
CA LYS D 76 10.72 -31.56 27.87
C LYS D 76 10.73 -31.01 26.44
N HIS D 77 9.54 -30.95 25.85
CA HIS D 77 9.38 -30.45 24.48
C HIS D 77 9.81 -28.99 24.33
N PHE D 78 9.54 -28.18 25.35
CA PHE D 78 9.90 -26.76 25.31
C PHE D 78 11.40 -26.51 25.10
N PHE D 79 12.24 -27.19 25.87
CA PHE D 79 13.68 -27.02 25.74
C PHE D 79 14.20 -27.65 24.44
N ALA D 80 13.35 -28.40 23.76
CA ALA D 80 13.71 -29.04 22.49
C ALA D 80 13.60 -28.04 21.35
N GLN D 81 12.53 -27.24 21.35
CA GLN D 81 12.31 -26.23 20.29
C GLN D 81 13.15 -24.96 20.45
N GLY D 82 14.19 -25.00 21.29
CA GLY D 82 15.05 -23.84 21.51
C GLY D 82 14.75 -23.02 22.74
N GLY D 83 14.09 -23.64 23.73
CA GLY D 83 13.75 -22.95 24.98
C GLY D 83 14.98 -22.77 25.86
N ARG D 84 15.30 -21.53 26.19
CA ARG D 84 16.47 -21.22 27.02
C ARG D 84 16.18 -21.24 28.53
N GLY D 85 14.92 -21.02 28.90
CA GLY D 85 14.54 -21.02 30.32
C GLY D 85 13.08 -20.65 30.52
N CYS D 86 12.55 -20.84 31.73
CA CYS D 86 11.15 -20.50 31.98
C CYS D 86 10.74 -20.46 33.46
N ASN D 87 9.69 -19.70 33.73
CA ASN D 87 9.17 -19.58 35.08
C ASN D 87 8.12 -20.66 35.26
N VAL D 88 7.95 -21.08 36.51
CA VAL D 88 6.99 -22.11 36.86
C VAL D 88 6.16 -21.60 38.03
N THR D 89 4.85 -21.55 37.85
CA THR D 89 3.94 -21.09 38.90
C THR D 89 3.09 -22.27 39.38
N VAL D 90 2.03 -22.00 40.14
CA VAL D 90 1.18 -23.07 40.63
C VAL D 90 0.53 -23.84 39.49
N PRO D 91 0.44 -25.18 39.64
CA PRO D 91 0.89 -25.99 40.77
C PRO D 91 2.07 -26.87 40.40
N PHE D 92 2.98 -26.38 39.57
CA PHE D 92 4.13 -27.20 39.16
C PHE D 92 5.46 -26.87 39.81
N LYS D 93 5.47 -26.00 40.83
CA LYS D 93 6.75 -25.65 41.49
C LYS D 93 7.49 -26.83 42.09
N GLU D 94 6.76 -27.76 42.72
CA GLU D 94 7.40 -28.92 43.33
C GLU D 94 7.82 -29.94 42.28
N GLU D 95 6.98 -30.14 41.28
CA GLU D 95 7.28 -31.09 40.21
C GLU D 95 8.51 -30.60 39.46
N ALA D 96 8.64 -29.28 39.33
CA ALA D 96 9.77 -28.68 38.64
C ALA D 96 11.03 -28.87 39.48
N TYR D 97 10.85 -28.89 40.80
CA TYR D 97 11.94 -29.07 41.75
C TYR D 97 12.65 -30.39 41.42
N ARG D 98 11.86 -31.43 41.18
CA ARG D 98 12.41 -32.75 40.85
C ARG D 98 12.93 -32.79 39.42
N PHE D 99 12.23 -32.11 38.52
CA PHE D 99 12.60 -32.06 37.11
C PHE D 99 13.99 -31.48 36.84
N ALA D 100 14.43 -30.54 37.68
CA ALA D 100 15.74 -29.93 37.51
C ALA D 100 16.86 -30.87 37.93
N ASP D 101 17.95 -30.87 37.15
CA ASP D 101 19.10 -31.73 37.42
C ASP D 101 19.81 -31.24 38.67
N ARG D 102 20.16 -29.95 38.68
CA ARG D 102 20.83 -29.34 39.82
C ARG D 102 20.03 -28.13 40.30
N LEU D 103 19.92 -28.00 41.61
CA LEU D 103 19.18 -26.91 42.24
C LEU D 103 20.10 -25.94 42.96
N THR D 104 19.77 -24.65 42.91
CA THR D 104 20.56 -23.64 43.58
C THR D 104 20.33 -23.90 45.07
N GLU D 105 21.24 -23.44 45.93
CA GLU D 105 21.06 -23.66 47.36
C GLU D 105 19.74 -23.06 47.84
N ARG D 106 19.43 -21.85 47.38
CA ARG D 106 18.20 -21.17 47.76
C ARG D 106 16.97 -21.97 47.30
N ALA D 107 17.12 -22.72 46.22
CA ALA D 107 16.03 -23.54 45.69
C ALA D 107 15.93 -24.83 46.52
N ARG D 108 17.10 -25.37 46.87
CA ARG D 108 17.17 -26.60 47.67
C ARG D 108 16.40 -26.43 48.97
N LEU D 109 16.69 -25.35 49.69
CA LEU D 109 16.03 -25.05 50.95
C LEU D 109 14.56 -24.70 50.74
N ALA D 110 14.28 -24.00 49.65
CA ALA D 110 12.90 -23.60 49.33
C ALA D 110 12.00 -24.81 49.12
N GLY D 111 12.53 -25.87 48.54
CA GLY D 111 11.76 -27.08 48.27
C GLY D 111 10.86 -26.93 47.06
N ALA D 112 11.04 -25.83 46.33
CA ALA D 112 10.24 -25.53 45.14
C ALA D 112 11.06 -24.71 44.17
N VAL D 113 10.69 -24.79 42.89
CA VAL D 113 11.40 -24.06 41.84
C VAL D 113 10.44 -23.22 41.00
N ASN D 114 10.80 -21.97 40.76
CA ASN D 114 9.96 -21.08 39.96
C ASN D 114 10.75 -20.59 38.74
N THR D 115 11.99 -21.06 38.61
CA THR D 115 12.84 -20.66 37.50
C THR D 115 13.77 -21.76 37.01
N LEU D 116 13.55 -22.20 35.77
CA LEU D 116 14.37 -23.25 35.16
C LEU D 116 15.23 -22.59 34.09
N LYS D 117 16.42 -23.14 33.85
CA LYS D 117 17.33 -22.60 32.85
C LYS D 117 18.23 -23.68 32.25
N LYS D 118 18.14 -23.88 30.94
CA LYS D 118 18.94 -24.89 30.27
C LYS D 118 20.35 -24.30 30.14
N LEU D 119 21.31 -24.92 30.82
CA LEU D 119 22.69 -24.45 30.79
C LEU D 119 23.36 -24.73 29.45
N ASP D 120 24.53 -24.14 29.25
CA ASP D 120 25.30 -24.30 28.01
C ASP D 120 25.70 -25.76 27.83
N ASP D 121 26.12 -26.41 28.91
CA ASP D 121 26.55 -27.80 28.87
C ASP D 121 25.39 -28.76 28.50
N GLY D 122 24.16 -28.37 28.81
CA GLY D 122 23.00 -29.20 28.50
C GLY D 122 21.97 -29.36 29.60
N GLU D 123 22.43 -29.62 30.82
CA GLU D 123 21.54 -29.80 31.96
C GLU D 123 20.64 -28.59 32.24
N ILE D 124 19.62 -28.83 33.06
CA ILE D 124 18.65 -27.79 33.43
C ILE D 124 18.77 -27.43 34.92
N LEU D 125 19.13 -26.18 35.18
CA LEU D 125 19.30 -25.66 36.55
C LEU D 125 18.00 -25.08 37.14
N GLY D 126 17.61 -25.60 38.31
CA GLY D 126 16.41 -25.15 39.01
C GLY D 126 16.76 -24.09 40.04
N ASP D 127 15.94 -23.04 40.14
CA ASP D 127 16.20 -21.97 41.09
C ASP D 127 14.89 -21.36 41.59
N ASN D 128 14.97 -20.57 42.66
CA ASN D 128 13.81 -19.91 43.25
C ASN D 128 14.21 -18.47 43.57
N THR D 129 13.53 -17.50 42.96
CA THR D 129 13.84 -16.08 43.19
C THR D 129 12.92 -15.32 44.15
N ASP D 130 12.12 -16.03 44.93
CA ASP D 130 11.21 -15.37 45.88
C ASP D 130 11.95 -14.51 46.90
N GLY D 131 12.88 -15.14 47.63
CA GLY D 131 13.64 -14.43 48.64
C GLY D 131 14.35 -13.18 48.17
N GLU D 132 15.23 -13.32 47.19
N GLU D 132 15.25 -13.30 47.20
CA GLU D 132 15.98 -12.18 46.66
CA GLU D 132 15.98 -12.14 46.68
C GLU D 132 15.03 -11.08 46.17
C GLU D 132 15.02 -11.07 46.18
N GLY D 133 13.91 -11.50 45.59
CA GLY D 133 12.91 -10.56 45.08
C GLY D 133 12.42 -9.69 46.23
N LEU D 134 12.23 -10.33 47.38
CA LEU D 134 11.77 -9.64 48.58
C LEU D 134 12.87 -8.69 49.06
N VAL D 135 14.09 -9.19 49.12
CA VAL D 135 15.23 -8.40 49.57
C VAL D 135 15.48 -7.19 48.69
N GLN D 136 15.43 -7.37 47.37
CA GLN D 136 15.66 -6.25 46.46
C GLN D 136 14.52 -5.24 46.53
N ASP D 137 13.32 -5.72 46.84
CA ASP D 137 12.19 -4.82 46.93
C ASP D 137 12.43 -3.96 48.18
N LEU D 138 12.78 -4.61 49.30
CA LEU D 138 13.06 -3.91 50.56
C LEU D 138 14.11 -2.81 50.36
N LEU D 139 15.21 -3.15 49.71
CA LEU D 139 16.27 -2.17 49.46
C LEU D 139 15.72 -1.00 48.63
N ALA D 140 14.85 -1.30 47.66
CA ALA D 140 14.27 -0.25 46.83
C ALA D 140 13.45 0.71 47.70
N GLN D 141 12.86 0.19 48.78
CA GLN D 141 12.07 1.01 49.69
C GLN D 141 12.96 1.57 50.81
N GLN D 142 14.27 1.55 50.57
CA GLN D 142 15.30 2.03 51.50
C GLN D 142 15.31 1.32 52.85
N VAL D 143 14.94 0.04 52.85
CA VAL D 143 14.94 -0.73 54.08
C VAL D 143 16.20 -1.59 54.14
N LEU D 144 17.01 -1.37 55.16
CA LEU D 144 18.25 -2.11 55.34
C LEU D 144 18.03 -3.24 56.35
N LEU D 145 18.40 -4.46 55.97
CA LEU D 145 18.25 -5.62 56.84
C LEU D 145 19.48 -5.90 57.69
N LYS D 146 20.58 -5.21 57.40
CA LYS D 146 21.83 -5.38 58.15
C LYS D 146 21.64 -5.12 59.64
N GLY D 147 21.91 -6.14 60.45
CA GLY D 147 21.80 -6.04 61.91
C GLY D 147 20.40 -5.74 62.44
N ALA D 148 19.38 -6.09 61.69
CA ALA D 148 18.00 -5.83 62.11
C ALA D 148 17.36 -7.09 62.69
N THR D 149 16.36 -6.89 63.55
CA THR D 149 15.64 -7.99 64.16
C THR D 149 14.42 -8.21 63.27
N ILE D 150 14.35 -9.38 62.64
CA ILE D 150 13.24 -9.70 61.74
C ILE D 150 12.25 -10.75 62.25
N LEU D 151 10.96 -10.46 62.02
CA LEU D 151 9.89 -11.36 62.42
C LEU D 151 9.20 -11.86 61.16
N LEU D 152 9.25 -13.17 60.92
CA LEU D 152 8.62 -13.76 59.74
C LEU D 152 7.34 -14.42 60.22
N ILE D 153 6.19 -13.85 59.84
CA ILE D 153 4.90 -14.39 60.26
C ILE D 153 4.45 -15.46 59.26
N GLY D 154 4.29 -16.67 59.77
CA GLY D 154 3.87 -17.80 58.95
C GLY D 154 5.06 -18.73 58.76
N ALA D 155 4.79 -19.98 58.40
CA ALA D 155 5.87 -20.95 58.19
C ALA D 155 5.52 -21.96 57.11
N GLY D 156 4.79 -21.52 56.08
CA GLY D 156 4.40 -22.39 54.98
C GLY D 156 5.45 -22.28 53.89
N GLY D 157 5.06 -22.56 52.65
CA GLY D 157 5.98 -22.49 51.52
C GLY D 157 6.52 -21.10 51.23
N ALA D 158 5.67 -20.09 51.36
CA ALA D 158 6.10 -18.72 51.11
C ALA D 158 7.19 -18.32 52.09
N ALA D 159 6.97 -18.61 53.37
CA ALA D 159 7.95 -18.29 54.40
C ALA D 159 9.24 -19.06 54.16
N ARG D 160 9.10 -20.35 53.87
CA ARG D 160 10.25 -21.22 53.62
C ARG D 160 11.15 -20.66 52.52
N GLY D 161 10.55 -20.24 51.41
CA GLY D 161 11.30 -19.70 50.30
C GLY D 161 12.02 -18.37 50.49
N VAL D 162 11.71 -17.65 51.57
CA VAL D 162 12.38 -16.36 51.79
C VAL D 162 13.52 -16.35 52.81
N LEU D 163 13.56 -17.34 53.70
CA LEU D 163 14.62 -17.39 54.72
C LEU D 163 16.06 -17.16 54.28
N LYS D 164 16.62 -18.11 53.55
CA LYS D 164 18.00 -18.00 53.08
C LYS D 164 18.36 -16.59 52.55
N PRO D 165 17.64 -16.08 51.54
CA PRO D 165 18.00 -14.73 51.08
C PRO D 165 17.96 -13.67 52.20
N LEU D 166 17.03 -13.79 53.13
CA LEU D 166 16.96 -12.80 54.23
C LEU D 166 18.23 -12.91 55.07
N LEU D 167 18.61 -14.14 55.41
CA LEU D 167 19.81 -14.38 56.21
C LEU D 167 21.06 -13.79 55.56
N ASP D 168 21.20 -13.99 54.26
CA ASP D 168 22.36 -13.48 53.50
C ASP D 168 22.56 -11.97 53.67
N GLN D 169 21.50 -11.24 54.03
CA GLN D 169 21.61 -9.79 54.22
C GLN D 169 22.23 -9.48 55.60
N GLN D 170 22.52 -10.55 56.35
CA GLN D 170 23.13 -10.48 57.68
C GLN D 170 22.40 -9.66 58.75
N PRO D 171 21.19 -10.12 59.14
CA PRO D 171 20.43 -9.41 60.15
C PRO D 171 20.83 -9.90 61.54
N ALA D 172 20.33 -9.23 62.58
CA ALA D 172 20.65 -9.62 63.95
C ALA D 172 20.04 -10.99 64.19
N SER D 173 18.81 -11.17 63.74
CA SER D 173 18.11 -12.43 63.90
C SER D 173 16.82 -12.45 63.10
N ILE D 174 16.22 -13.64 63.02
CA ILE D 174 14.98 -13.85 62.30
C ILE D 174 14.15 -14.81 63.15
N THR D 175 12.96 -14.37 63.53
CA THR D 175 12.08 -15.19 64.33
C THR D 175 10.90 -15.65 63.48
N VAL D 176 10.79 -16.97 63.31
CA VAL D 176 9.71 -17.58 62.54
C VAL D 176 8.57 -17.89 63.51
N THR D 177 7.34 -17.52 63.16
CA THR D 177 6.20 -17.79 64.04
C THR D 177 4.99 -18.33 63.29
N ASN D 178 4.22 -19.18 63.98
CA ASN D 178 3.02 -19.80 63.43
C ASN D 178 2.09 -20.04 64.62
N ARG D 179 0.87 -20.52 64.41
CA ARG D 179 -0.01 -20.76 65.56
C ARG D 179 0.58 -21.93 66.33
N THR D 180 1.00 -22.94 65.56
CA THR D 180 1.59 -24.15 66.12
C THR D 180 3.12 -24.01 66.13
N PHE D 181 3.69 -24.05 67.33
CA PHE D 181 5.13 -23.94 67.51
C PHE D 181 5.92 -24.98 66.71
N ALA D 182 5.37 -26.18 66.61
CA ALA D 182 6.00 -27.29 65.89
C ALA D 182 6.50 -26.95 64.48
N LYS D 183 5.57 -26.50 63.63
CA LYS D 183 5.88 -26.15 62.25
C LYS D 183 6.85 -24.97 62.13
N ALA D 184 6.89 -24.11 63.14
CA ALA D 184 7.80 -22.96 63.12
C ALA D 184 9.24 -23.39 63.39
N GLU D 185 9.44 -24.26 64.37
CA GLU D 185 10.77 -24.74 64.71
C GLU D 185 11.43 -25.53 63.58
N GLN D 186 10.68 -26.44 62.97
CA GLN D 186 11.21 -27.26 61.86
C GLN D 186 11.83 -26.38 60.80
N LEU D 187 11.13 -25.31 60.45
CA LEU D 187 11.60 -24.38 59.44
C LEU D 187 12.88 -23.69 59.91
N ALA D 188 12.92 -23.31 61.18
CA ALA D 188 14.10 -22.66 61.75
C ALA D 188 15.32 -23.59 61.77
N GLU D 189 15.07 -24.90 61.86
CA GLU D 189 16.15 -25.90 61.87
C GLU D 189 16.79 -26.04 60.49
N LEU D 190 15.94 -26.06 59.48
CA LEU D 190 16.37 -26.19 58.10
C LEU D 190 17.41 -25.14 57.67
N VAL D 191 17.24 -23.91 58.15
CA VAL D 191 18.18 -22.83 57.81
C VAL D 191 19.13 -22.42 58.94
N ALA D 192 19.17 -23.22 60.00
CA ALA D 192 20.03 -22.94 61.15
C ALA D 192 21.51 -22.78 60.78
N ALA D 193 21.92 -23.39 59.67
CA ALA D 193 23.30 -23.31 59.21
C ALA D 193 23.67 -22.02 58.47
N TYR D 194 22.80 -21.00 58.51
CA TYR D 194 23.09 -19.73 57.81
C TYR D 194 22.85 -18.47 58.66
N GLY D 195 22.43 -18.62 59.91
CA GLY D 195 22.18 -17.47 60.77
C GLY D 195 21.41 -17.77 62.05
N GLU D 196 21.07 -16.72 62.78
CA GLU D 196 20.32 -16.82 64.02
C GLU D 196 18.82 -16.83 63.77
N VAL D 197 18.22 -18.02 63.76
CA VAL D 197 16.78 -18.17 63.52
C VAL D 197 16.06 -18.86 64.67
N LYS D 198 15.13 -18.14 65.30
CA LYS D 198 14.35 -18.67 66.41
C LYS D 198 12.95 -19.01 65.95
N ALA D 199 12.19 -19.71 66.81
CA ALA D 199 10.82 -20.10 66.50
C ALA D 199 9.94 -19.88 67.72
N GLN D 200 8.71 -19.39 67.52
CA GLN D 200 7.77 -19.14 68.62
C GLN D 200 6.31 -19.17 68.15
N ALA D 201 5.42 -19.63 69.03
CA ALA D 201 3.99 -19.69 68.70
C ALA D 201 3.45 -18.27 68.79
N PHE D 202 2.33 -17.97 68.15
CA PHE D 202 1.81 -16.60 68.22
C PHE D 202 1.51 -16.11 69.64
N GLU D 203 1.08 -17.02 70.51
CA GLU D 203 0.77 -16.66 71.90
C GLU D 203 2.00 -16.28 72.73
N GLN D 204 3.18 -16.68 72.27
CA GLN D 204 4.43 -16.37 72.98
C GLN D 204 4.97 -14.96 72.68
N LEU D 205 4.90 -14.54 71.43
CA LEU D 205 5.39 -13.22 71.03
C LEU D 205 5.13 -12.17 72.10
N LYS D 206 6.20 -11.52 72.56
CA LYS D 206 6.06 -10.48 73.58
C LYS D 206 7.05 -9.31 73.41
N GLN D 207 7.58 -9.12 72.20
CA GLN D 207 8.51 -8.03 71.94
C GLN D 207 8.33 -7.48 70.53
N SER D 208 8.87 -6.28 70.31
CA SER D 208 8.76 -5.64 69.00
C SER D 208 9.95 -6.06 68.13
N TYR D 209 9.80 -5.87 66.83
CA TYR D 209 10.84 -6.22 65.88
C TYR D 209 11.05 -5.05 64.91
N ASP D 210 12.26 -4.90 64.41
CA ASP D 210 12.60 -3.84 63.47
C ASP D 210 11.93 -4.02 62.12
N VAL D 211 11.74 -5.27 61.70
CA VAL D 211 11.11 -5.56 60.42
C VAL D 211 10.18 -6.76 60.53
N ILE D 212 8.90 -6.55 60.23
CA ILE D 212 7.91 -7.62 60.28
C ILE D 212 7.52 -7.99 58.85
N ILE D 213 7.61 -9.28 58.53
CA ILE D 213 7.26 -9.77 57.20
C ILE D 213 6.16 -10.81 57.32
N ASN D 214 4.99 -10.50 56.77
CA ASN D 214 3.84 -11.39 56.81
C ASN D 214 3.70 -12.28 55.57
N SER D 215 3.64 -13.58 55.78
CA SER D 215 3.51 -14.52 54.69
C SER D 215 2.17 -15.25 54.76
N THR D 216 1.35 -14.96 55.78
CA THR D 216 0.06 -15.63 55.91
C THR D 216 -1.00 -15.07 55.01
N SER D 217 -2.10 -15.82 54.88
CA SER D 217 -3.22 -15.42 54.05
C SER D 217 -4.35 -14.94 54.96
N ALA D 218 -5.07 -13.93 54.51
CA ALA D 218 -6.19 -13.38 55.26
C ALA D 218 -7.46 -13.64 54.47
N SER D 219 -8.60 -13.56 55.13
CA SER D 219 -9.88 -13.80 54.47
C SER D 219 -10.23 -12.58 53.63
N LEU D 220 -11.17 -12.73 52.70
CA LEU D 220 -11.59 -11.62 51.85
C LEU D 220 -12.30 -10.50 52.60
N ASP D 221 -12.71 -10.76 53.84
CA ASP D 221 -13.38 -9.76 54.66
C ASP D 221 -12.40 -9.12 55.65
N GLY D 222 -11.14 -9.54 55.57
CA GLY D 222 -10.07 -9.02 56.43
C GLY D 222 -9.81 -9.59 57.81
N GLU D 223 -9.93 -10.90 57.99
CA GLU D 223 -9.66 -11.49 59.29
C GLU D 223 -8.22 -11.98 59.29
N LEU D 224 -7.45 -11.50 60.27
CA LEU D 224 -6.05 -11.88 60.40
C LEU D 224 -5.80 -12.82 61.57
N PRO D 225 -4.66 -13.51 61.56
CA PRO D 225 -4.33 -14.44 62.64
C PRO D 225 -4.22 -13.72 63.98
N ALA D 226 -4.49 -14.44 65.06
CA ALA D 226 -4.44 -13.89 66.41
C ALA D 226 -3.03 -13.65 66.93
N ILE D 227 -2.48 -12.48 66.61
CA ILE D 227 -1.14 -12.11 67.04
C ILE D 227 -1.19 -10.84 67.88
N ASP D 228 -0.50 -10.88 69.02
CA ASP D 228 -0.43 -9.76 69.95
C ASP D 228 0.25 -8.57 69.27
N PRO D 229 -0.38 -7.39 69.31
CA PRO D 229 0.17 -6.17 68.69
C PRO D 229 1.49 -5.64 69.27
N VAL D 230 2.06 -6.34 70.24
CA VAL D 230 3.33 -5.92 70.85
C VAL D 230 4.47 -5.97 69.84
N ILE D 231 4.30 -6.78 68.81
CA ILE D 231 5.32 -6.94 67.77
C ILE D 231 5.64 -5.64 67.02
N PHE D 232 4.70 -4.70 66.98
CA PHE D 232 4.94 -3.45 66.26
C PHE D 232 5.53 -2.34 67.13
N SER D 233 6.27 -1.46 66.48
CA SER D 233 6.91 -0.34 67.15
C SER D 233 6.94 0.88 66.23
N SER D 234 7.28 2.02 66.80
CA SER D 234 7.35 3.29 66.07
C SER D 234 8.39 3.26 64.95
N ARG D 235 9.43 2.44 65.12
CA ARG D 235 10.49 2.31 64.13
C ARG D 235 10.36 1.05 63.25
N SER D 236 9.31 0.26 63.47
CA SER D 236 9.10 -0.96 62.72
C SER D 236 8.69 -0.77 61.25
N VAL D 237 9.27 -1.63 60.40
CA VAL D 237 8.98 -1.62 58.98
C VAL D 237 8.16 -2.88 58.78
N CYS D 238 7.00 -2.73 58.17
N CYS D 238 6.99 -2.74 58.16
CA CYS D 238 6.10 -3.85 57.93
CA CYS D 238 6.12 -3.86 57.92
C CYS D 238 6.02 -4.19 56.44
C CYS D 238 6.03 -4.19 56.44
N TYR D 239 6.25 -5.45 56.11
CA TYR D 239 6.20 -5.89 54.73
C TYR D 239 5.22 -7.06 54.64
N ASP D 240 4.19 -6.89 53.81
CA ASP D 240 3.17 -7.91 53.62
C ASP D 240 3.32 -8.48 52.21
N MET D 241 3.39 -9.81 52.09
CA MET D 241 3.52 -10.43 50.76
C MET D 241 2.28 -10.23 49.90
N MET D 242 1.13 -9.97 50.51
CA MET D 242 -0.08 -9.75 49.75
C MET D 242 -0.03 -8.32 49.22
N TYR D 243 -0.82 -8.04 48.18
CA TYR D 243 -0.88 -6.71 47.59
C TYR D 243 -2.26 -6.46 47.00
N GLY D 244 -2.58 -5.18 46.79
CA GLY D 244 -3.86 -4.79 46.23
C GLY D 244 -3.98 -3.28 46.21
N LYS D 245 -5.18 -2.78 45.95
CA LYS D 245 -5.40 -1.35 45.91
C LYS D 245 -5.25 -0.79 47.32
N GLY D 246 -4.59 0.35 47.44
CA GLY D 246 -4.38 0.97 48.73
C GLY D 246 -3.49 0.07 49.58
N TYR D 247 -3.74 0.03 50.88
CA TYR D 247 -2.96 -0.78 51.80
C TYR D 247 -3.68 -2.08 52.14
N THR D 248 -2.90 -3.12 52.44
CA THR D 248 -3.47 -4.42 52.77
C THR D 248 -4.01 -4.32 54.18
N VAL D 249 -4.90 -5.23 54.53
CA VAL D 249 -5.50 -5.23 55.86
C VAL D 249 -4.42 -5.39 56.93
N PHE D 250 -3.38 -6.18 56.63
CA PHE D 250 -2.29 -6.39 57.58
C PHE D 250 -1.53 -5.09 57.82
N ASN D 251 -1.21 -4.37 56.75
CA ASN D 251 -0.49 -3.10 56.89
C ASN D 251 -1.33 -2.07 57.62
N GLN D 252 -2.62 -2.01 57.32
CA GLN D 252 -3.51 -1.05 57.98
C GLN D 252 -3.46 -1.33 59.49
N TRP D 253 -3.47 -2.62 59.84
CA TRP D 253 -3.41 -3.03 61.23
C TRP D 253 -2.10 -2.66 61.89
N ALA D 254 -1.01 -2.77 61.13
CA ALA D 254 0.30 -2.43 61.65
C ALA D 254 0.35 -0.93 61.93
N ARG D 255 -0.25 -0.13 61.04
CA ARG D 255 -0.28 1.32 61.18
C ARG D 255 -1.08 1.79 62.40
N GLN D 256 -2.07 1.01 62.82
CA GLN D 256 -2.88 1.39 63.97
C GLN D 256 -2.06 1.34 65.25
N HIS D 257 -1.01 0.52 65.25
CA HIS D 257 -0.15 0.39 66.43
C HIS D 257 1.21 1.06 66.40
N GLY D 258 1.57 1.75 65.33
CA GLY D 258 2.88 2.42 65.28
C GLY D 258 3.72 2.30 64.03
N CYS D 259 3.52 1.24 63.25
CA CYS D 259 4.28 1.02 62.03
C CYS D 259 4.83 2.31 61.42
N ALA D 260 6.13 2.33 61.14
CA ALA D 260 6.80 3.50 60.56
C ALA D 260 6.74 3.48 59.04
N GLN D 261 6.61 2.29 58.46
CA GLN D 261 6.55 2.17 57.01
C GLN D 261 5.90 0.84 56.62
N ALA D 262 4.88 0.92 55.76
CA ALA D 262 4.15 -0.26 55.28
C ALA D 262 4.41 -0.50 53.80
N ILE D 263 4.75 -1.75 53.45
CA ILE D 263 5.02 -2.12 52.06
C ILE D 263 4.27 -3.40 51.69
N ASP D 264 3.81 -3.50 50.43
CA ASP D 264 3.09 -4.70 50.01
C ASP D 264 4.02 -5.55 49.14
N GLY D 265 3.55 -6.71 48.69
CA GLY D 265 4.36 -7.61 47.88
C GLY D 265 4.41 -7.42 46.38
N LEU D 266 3.88 -6.30 45.87
CA LEU D 266 3.91 -6.08 44.42
C LEU D 266 5.34 -5.90 43.95
N GLY D 267 6.15 -5.26 44.79
CA GLY D 267 7.55 -5.05 44.47
C GLY D 267 8.28 -6.38 44.44
N MET D 268 7.91 -7.26 45.38
CA MET D 268 8.51 -8.60 45.46
C MET D 268 8.30 -9.34 44.13
N LEU D 269 7.09 -9.25 43.60
CA LEU D 269 6.73 -9.91 42.34
C LEU D 269 7.63 -9.43 41.22
N VAL D 270 7.67 -8.12 41.02
CA VAL D 270 8.50 -7.54 39.97
C VAL D 270 9.96 -7.89 40.25
N GLY D 271 10.31 -7.93 41.53
CA GLY D 271 11.67 -8.26 41.95
C GLY D 271 12.08 -9.67 41.57
N GLN D 272 11.33 -10.66 42.03
CA GLN D 272 11.63 -12.07 41.73
C GLN D 272 11.73 -12.29 40.22
N ALA D 273 10.87 -11.61 39.46
CA ALA D 273 10.88 -11.74 38.01
C ALA D 273 12.21 -11.15 37.53
N ALA D 274 12.51 -9.95 38.00
CA ALA D 274 13.74 -9.26 37.64
C ALA D 274 14.95 -10.15 37.89
N GLU D 275 14.89 -10.93 38.96
CA GLU D 275 15.98 -11.84 39.32
C GLU D 275 16.11 -12.98 38.34
N SER D 276 14.97 -13.45 37.82
CA SER D 276 15.00 -14.55 36.85
C SER D 276 15.59 -14.02 35.54
N PHE D 277 15.22 -12.79 35.20
CA PHE D 277 15.70 -12.16 33.97
C PHE D 277 17.21 -12.03 34.06
N MET D 278 17.71 -11.68 35.24
CA MET D 278 19.15 -11.53 35.46
C MET D 278 19.82 -12.89 35.36
N LEU D 279 19.16 -13.91 35.89
CA LEU D 279 19.71 -15.26 35.87
C LEU D 279 19.91 -15.80 34.46
N TRP D 280 18.89 -15.74 33.62
CA TRP D 280 19.03 -16.26 32.26
C TRP D 280 19.96 -15.43 31.40
N ARG D 281 19.71 -14.12 31.38
CA ARG D 281 20.51 -13.21 30.58
C ARG D 281 21.84 -12.87 31.27
N GLY D 282 21.77 -12.03 32.30
CA GLY D 282 22.97 -11.62 33.04
C GLY D 282 23.01 -10.12 33.32
N LEU D 283 21.83 -9.50 33.45
CA LEU D 283 21.72 -8.07 33.71
C LEU D 283 20.39 -7.79 34.41
N ARG D 284 20.41 -7.17 35.58
CA ARG D 284 19.17 -6.85 36.30
C ARG D 284 18.59 -5.57 35.72
N PRO D 285 17.33 -5.63 35.28
CA PRO D 285 16.66 -4.47 34.70
C PRO D 285 15.99 -3.55 35.72
N GLY D 286 15.64 -2.35 35.27
CA GLY D 286 14.99 -1.36 36.10
C GLY D 286 13.53 -1.69 36.33
N THR D 287 13.17 -1.87 37.60
CA THR D 287 11.82 -2.21 37.98
C THR D 287 11.00 -0.93 38.18
N LYS D 288 11.66 0.12 38.65
CA LYS D 288 11.02 1.41 38.91
C LYS D 288 9.88 1.68 37.92
N GLN D 289 10.23 1.70 36.64
CA GLN D 289 9.26 1.97 35.59
C GLN D 289 8.17 0.88 35.52
N ILE D 290 8.59 -0.37 35.50
CA ILE D 290 7.65 -1.49 35.43
C ILE D 290 6.75 -1.61 36.66
N LEU D 291 7.35 -1.53 37.85
CA LEU D 291 6.58 -1.62 39.09
C LEU D 291 5.50 -0.54 39.09
N ARG D 292 5.88 0.66 38.65
CA ARG D 292 4.95 1.78 38.60
C ARG D 292 3.80 1.46 37.64
N GLU D 293 4.14 0.95 36.47
CA GLU D 293 3.14 0.61 35.45
C GLU D 293 2.19 -0.47 35.97
N LEU D 294 2.72 -1.53 36.57
CA LEU D 294 1.87 -2.60 37.11
C LEU D 294 0.92 -2.10 38.19
N ARG D 295 1.37 -1.09 38.95
CA ARG D 295 0.53 -0.55 40.01
C ARG D 295 -0.59 0.33 39.47
N LYS D 296 -0.34 1.07 38.39
CA LYS D 296 -1.40 1.92 37.83
C LYS D 296 -2.54 1.03 37.33
N ASN D 297 -2.19 -0.07 36.68
CA ASN D 297 -3.19 -1.00 36.16
C ASN D 297 -3.89 -1.71 37.31
N LEU D 298 -3.16 -1.94 38.40
CA LEU D 298 -3.71 -2.59 39.56
C LEU D 298 -4.74 -1.66 40.21
N GLU D 299 -4.37 -0.38 40.33
CA GLU D 299 -5.26 0.63 40.91
C GLU D 299 -6.46 0.95 40.03
N GLY D 300 -6.35 0.65 38.75
CA GLY D 300 -7.43 0.89 37.79
C GLY D 300 -8.64 -0.01 38.00
PA NDP E . -8.45 -36.61 9.19
O1A NDP E . -8.45 -37.88 10.00
O2A NDP E . -9.69 -35.74 9.14
O5B NDP E . -8.06 -36.99 7.68
C5B NDP E . -6.84 -37.68 7.38
C4B NDP E . -6.87 -38.10 5.92
O4B NDP E . -5.65 -38.75 5.57
C3B NDP E . -7.99 -39.08 5.65
O3B NDP E . -8.72 -38.68 4.48
C2B NDP E . -7.32 -40.41 5.44
O2B NDP E . -7.98 -41.19 4.44
C1B NDP E . -5.90 -40.06 5.05
N9A NDP E . -4.90 -41.01 5.61
C8A NDP E . -4.51 -41.08 6.90
N7A NDP E . -3.59 -42.06 7.07
C5A NDP E . -3.38 -42.64 5.86
C6A NDP E . -2.58 -43.66 5.38
N6A NDP E . -1.76 -44.36 6.20
N1A NDP E . -2.64 -43.97 4.06
C2A NDP E . -3.44 -43.31 3.21
N3A NDP E . -4.24 -42.31 3.62
C4A NDP E . -4.25 -41.93 4.91
O3 NDP E . -7.20 -35.70 9.66
PN NDP E . -6.88 -34.24 9.02
O1N NDP E . -7.05 -34.33 7.52
O2N NDP E . -7.65 -33.20 9.81
O5D NDP E . -5.31 -34.07 9.33
C5D NDP E . -4.77 -32.91 9.97
C4D NDP E . -3.57 -32.40 9.17
O4D NDP E . -2.85 -31.40 9.90
C3D NDP E . -2.59 -33.52 8.85
O3D NDP E . -2.61 -33.83 7.44
C2D NDP E . -1.22 -33.01 9.26
O2D NDP E . -0.33 -32.97 8.15
C1D NDP E . -1.44 -31.61 9.83
N1N NDP E . -0.80 -31.43 11.15
C2N NDP E . 0.60 -31.76 11.31
C3N NDP E . 1.18 -31.48 12.69
C7N NDP E . 2.63 -31.83 12.92
O7N NDP E . 3.04 -32.08 14.04
N7N NDP E . 3.42 -31.83 11.85
C4N NDP E . 0.26 -31.40 13.91
C5N NDP E . -1.19 -31.20 13.55
C6N NDP E . -1.65 -31.30 12.29
P2B NDP E . -9.38 -41.92 4.76
O1X NDP E . -9.23 -42.41 6.18
O2X NDP E . -10.43 -40.86 4.57
O3X NDP E . -9.44 -43.04 3.73
PA NDP F . 12.19 7.55 -14.59
O1A NDP F . 12.83 6.84 -15.76
O2A NDP F . 12.88 8.75 -13.97
O5B NDP F . 11.89 6.47 -13.44
C5B NDP F . 11.01 5.37 -13.68
C4B NDP F . 10.91 4.52 -12.42
O4B NDP F . 10.16 3.31 -12.68
C3B NDP F . 12.27 4.08 -11.91
O3B NDP F . 12.38 4.28 -10.49
C2B NDP F . 12.35 2.62 -12.26
O2B NDP F . 13.21 1.89 -11.37
C1B NDP F . 10.89 2.19 -12.20
N9A NDP F . 10.62 0.98 -13.01
C8A NDP F . 10.62 0.91 -14.36
N7A NDP F . 10.31 -0.34 -14.76
C5A NDP F . 10.10 -1.10 -13.68
C6A NDP F . 9.76 -2.42 -13.44
N6A NDP F . 9.56 -3.27 -14.47
N1A NDP F . 9.62 -2.84 -12.16
C2A NDP F . 9.81 -2.01 -11.11
N3A NDP F . 10.14 -0.73 -11.27
C4A NDP F . 10.29 -0.22 -12.52
O3 NDP F . 10.70 8.01 -15.02
PN NDP F . 9.71 8.80 -14.03
O1N NDP F . 9.45 10.16 -14.63
O2N NDP F . 10.21 8.69 -12.61
O5D NDP F . 8.37 7.93 -14.14
C5D NDP F . 7.25 8.39 -14.90
C4D NDP F . 5.99 8.23 -14.07
O4D NDP F . 5.08 9.29 -14.40
C3D NDP F . 5.28 6.93 -14.37
O3D NDP F . 4.73 6.38 -13.17
C2D NDP F . 4.19 7.30 -15.35
O2D NDP F . 3.01 6.51 -15.12
C1D NDP F . 3.92 8.78 -15.07
N1N NDP F . 3.65 9.50 -16.33
C2N NDP F . 2.19 9.53 -16.70
C3N NDP F . 1.99 10.38 -17.96
C7N NDP F . 0.61 10.46 -18.55
O7N NDP F . 0.26 11.46 -19.17
N7N NDP F . -0.17 9.41 -18.35
C4N NDP F . 3.13 10.67 -18.95
C5N NDP F . 4.51 10.43 -18.38
C6N NDP F . 4.71 9.82 -17.22
P2B NDP F . 14.81 1.95 -11.59
O1X NDP F . 15.01 1.76 -13.07
O2X NDP F . 15.23 3.31 -11.07
O3X NDP F . 15.30 0.80 -10.74
O12 SKM G . 3.57 17.34 -15.38
C8 SKM G . 2.53 17.17 -16.35
C6 SKM G . 2.49 18.38 -17.27
O7 SKM G . 2.32 19.57 -16.50
C5 SKM G . 1.35 18.26 -18.28
C4 SKM G . 1.36 16.91 -18.96
C1 SKM G . 0.64 16.74 -20.23
O2 SKM G . -0.55 17.12 -20.31
O3 SKM G . 1.22 16.23 -21.21
C10 SKM G . 2.00 15.84 -18.44
C9 SKM G . 2.78 15.88 -17.14
O11 SKM G . 4.18 15.79 -17.42
O12 SKM H . -6.79 26.79 -44.17
C8 SKM H . -6.37 27.44 -42.97
C6 SKM H . -6.49 26.45 -41.81
O7 SKM H . -7.87 26.12 -41.62
C5 SKM H . -5.94 26.98 -40.49
C4 SKM H . -4.99 28.15 -40.62
C1 SKM H . -4.57 28.82 -39.40
O2 SKM H . -4.79 28.26 -38.31
O3 SKM H . -4.01 29.94 -39.47
C10 SKM H . -4.53 28.59 -41.81
C9 SKM H . -4.94 27.95 -43.11
O11 SKM H . -4.05 26.87 -43.41
#